data_4YFU
#
_entry.id   4YFU
#
_cell.length_a   93.230
_cell.length_b   108.100
_cell.length_c   151.340
_cell.angle_alpha   90.000
_cell.angle_beta   90.000
_cell.angle_gamma   90.000
#
_symmetry.space_group_name_H-M   'P 21 21 21'
#
loop_
_entity.id
_entity.type
_entity.pdbx_description
1 polymer 'DNA polymerase'
2 polymer 'Primer DNA'
3 polymer 'Template DNA'
4 branched beta-D-fructofuranose-(2-1)-alpha-D-glucopyranose
5 non-polymer "THYMIDINE-5'-TRIPHOSPHATE"
6 non-polymer 'SULFATE ION'
7 water water
#
loop_
_entity_poly.entity_id
_entity_poly.type
_entity_poly.pdbx_seq_one_letter_code
_entity_poly.pdbx_strand_id
1 'polypeptide(L)'
;KKMAFTLADRVTEEMLADKAALVVEVVEENYHDAPIVGIAVVNEHGRFFLRPETALADPQFVAWLGDETKKKSMFDSKRA
AVALKWKGIEL(CME)GVSFDLLLAAYLLDPAQGVDDVAAAAKMKQYEAVRPDEAVYGKGAKRAVPDEPVLAEHLVRKAA
AIWELERPFLDELRRNEQDRLLVELEQPLSSILAEMEFAGVKVDTKRLEQMGKELAEQLGTVEQRIYELAGQEFNINSPK
QLGVILFEKLQLPVLKKTKTGYSTSADVLEKLAPYHEIVENILHYRQLGKLQSTYIEGLLKVVRPATKKVHTIFNQALTQ
TGRLSSTEPNLQNIPIRLEEGRKIRQAFVPSESDWLIFAADYSQIELRVLAHIAEDDNLMEAFRRDLDIHTKTAMDIFQV
SEDEVTPNMRRQAKAVNYGIVYGISDYGLAQNLNISRKEAAEFIERYFESFPGVKRYMENIVQEAKQKGYVTTLLHRRRY
LPDITSRNFNVRSFAERMAMNTPIQGSAADIIKKAMIDLNARLKEERLQAHLLLQVHDELILEAPKEEMERLCRLVPEVM
EQAVTLRVPLKVDYHYGSTWYDAK
;
A,D
2 'polydeoxyribonucleotide' (DC)(DA)(DT)(DG)(DA)(DT)(DG)(DC)(2DT) B,E
3 'polydeoxyribonucleotide' (DG)(DA)(DG)(DC)(DG)(DA)(DG)(DC)(DA)(DT)(DC)(DA)(DT)(DG) C,F
#
# COMPACT_ATOMS: atom_id res chain seq x y z
N LYS A 2 -29.28 -4.04 13.20
CA LYS A 2 -30.66 -3.90 12.64
C LYS A 2 -30.64 -3.78 11.11
N MET A 3 -31.23 -4.78 10.46
CA MET A 3 -31.34 -4.79 8.98
C MET A 3 -32.64 -5.37 8.50
N ALA A 4 -33.45 -4.50 7.90
CA ALA A 4 -34.79 -4.87 7.43
C ALA A 4 -34.64 -5.67 6.14
N PHE A 5 -35.40 -6.73 6.07
CA PHE A 5 -35.53 -7.56 4.86
C PHE A 5 -36.90 -8.28 4.86
N THR A 6 -37.33 -8.70 3.66
CA THR A 6 -38.52 -9.52 3.43
C THR A 6 -38.06 -10.98 3.33
N LEU A 7 -38.58 -11.83 4.22
CA LEU A 7 -38.50 -13.27 4.05
C LEU A 7 -39.64 -13.67 3.09
N ALA A 8 -39.36 -13.56 1.81
CA ALA A 8 -40.37 -13.68 0.74
C ALA A 8 -40.85 -15.13 0.56
N ASP A 9 -42.12 -15.30 0.18
CA ASP A 9 -42.57 -16.68 -0.13
C ASP A 9 -42.90 -16.89 -1.59
N ARG A 10 -42.85 -15.84 -2.39
CA ARG A 10 -42.81 -15.95 -3.85
C ARG A 10 -41.93 -14.85 -4.50
N VAL A 11 -41.52 -15.07 -5.74
CA VAL A 11 -40.78 -14.06 -6.46
C VAL A 11 -41.62 -12.91 -6.97
N THR A 12 -41.18 -11.67 -6.75
CA THR A 12 -41.83 -10.49 -7.30
C THR A 12 -40.92 -9.75 -8.27
N GLU A 13 -41.53 -8.95 -9.16
CA GLU A 13 -40.84 -8.17 -10.11
C GLU A 13 -39.79 -7.29 -9.46
N GLU A 14 -40.09 -6.76 -8.26
CA GLU A 14 -39.09 -5.85 -7.68
C GLU A 14 -37.79 -6.56 -7.24
N MET A 15 -37.86 -7.89 -7.16
CA MET A 15 -36.63 -8.70 -6.90
C MET A 15 -35.78 -8.89 -8.15
N LEU A 16 -36.26 -8.47 -9.34
CA LEU A 16 -35.64 -8.80 -10.63
C LEU A 16 -35.18 -7.55 -11.31
N ALA A 17 -34.55 -6.71 -10.49
CA ALA A 17 -33.99 -5.43 -10.97
C ALA A 17 -32.78 -5.61 -11.87
N ASP A 18 -32.33 -4.57 -12.57
CA ASP A 18 -31.24 -4.84 -13.48
C ASP A 18 -29.83 -4.69 -12.92
N LYS A 19 -29.76 -4.31 -11.63
CA LYS A 19 -28.51 -4.36 -10.82
C LYS A 19 -28.91 -4.90 -9.46
N ALA A 20 -28.22 -5.97 -8.99
CA ALA A 20 -28.50 -6.50 -7.68
C ALA A 20 -27.26 -7.14 -7.08
N ALA A 21 -27.16 -7.22 -5.74
CA ALA A 21 -26.25 -8.19 -5.16
C ALA A 21 -27.03 -9.49 -4.92
N LEU A 22 -26.37 -10.62 -5.17
CA LEU A 22 -27.07 -11.91 -5.16
C LEU A 22 -26.19 -12.86 -4.39
N VAL A 23 -26.82 -13.61 -3.48
CA VAL A 23 -26.18 -14.71 -2.68
C VAL A 23 -26.91 -15.96 -3.03
N VAL A 24 -26.19 -16.95 -3.52
CA VAL A 24 -26.80 -18.32 -3.78
C VAL A 24 -25.95 -19.24 -2.95
N GLU A 25 -26.41 -19.54 -1.74
CA GLU A 25 -25.52 -20.08 -0.66
C GLU A 25 -25.34 -21.55 -0.75
N VAL A 26 -24.07 -21.97 -0.91
CA VAL A 26 -23.73 -23.38 -0.87
C VAL A 26 -22.72 -23.50 0.28
N VAL A 27 -23.14 -24.18 1.33
CA VAL A 27 -22.34 -24.41 2.55
C VAL A 27 -21.28 -25.53 2.41
N GLU A 28 -21.58 -26.59 1.67
CA GLU A 28 -20.60 -27.66 1.46
C GLU A 28 -19.35 -27.10 0.79
N GLU A 29 -18.17 -27.45 1.30
CA GLU A 29 -16.97 -26.85 0.74
C GLU A 29 -16.84 -27.27 -0.74
N ASN A 30 -17.10 -28.55 -1.07
CA ASN A 30 -17.08 -28.96 -2.44
C ASN A 30 -18.50 -28.74 -3.00
N TYR A 31 -18.65 -27.80 -3.95
CA TYR A 31 -19.95 -27.36 -4.32
C TYR A 31 -20.48 -28.18 -5.51
N HIS A 32 -19.77 -29.27 -5.95
CA HIS A 32 -20.29 -30.04 -7.08
C HIS A 32 -21.48 -30.87 -6.52
N ASP A 33 -22.63 -30.69 -7.23
CA ASP A 33 -23.94 -31.34 -6.96
C ASP A 33 -24.30 -31.16 -5.48
N ALA A 34 -24.00 -29.97 -4.93
CA ALA A 34 -24.21 -29.72 -3.52
C ALA A 34 -25.52 -28.96 -3.31
N PRO A 35 -26.11 -29.06 -2.09
CA PRO A 35 -27.37 -28.29 -1.84
C PRO A 35 -27.16 -26.76 -1.88
N ILE A 36 -28.17 -26.07 -2.42
CA ILE A 36 -28.29 -24.63 -2.30
C ILE A 36 -29.21 -24.41 -1.15
N VAL A 37 -28.75 -23.71 -0.15
CA VAL A 37 -29.50 -23.67 1.14
C VAL A 37 -30.37 -22.43 1.29
N GLY A 38 -30.15 -21.40 0.49
CA GLY A 38 -30.89 -20.11 0.61
C GLY A 38 -30.41 -19.16 -0.45
N ILE A 39 -31.19 -18.14 -0.76
CA ILE A 39 -30.92 -17.14 -1.74
C ILE A 39 -31.25 -15.81 -1.11
N ALA A 40 -30.36 -14.84 -1.33
CA ALA A 40 -30.70 -13.47 -1.00
C ALA A 40 -30.41 -12.54 -2.14
N VAL A 41 -31.28 -11.51 -2.27
CA VAL A 41 -31.15 -10.46 -3.28
C VAL A 41 -31.26 -9.13 -2.58
N VAL A 42 -30.30 -8.28 -2.85
CA VAL A 42 -30.41 -6.86 -2.35
C VAL A 42 -30.30 -5.97 -3.59
N ASN A 43 -31.24 -5.04 -3.75
CA ASN A 43 -31.20 -4.15 -4.91
C ASN A 43 -31.76 -2.77 -4.46
N GLU A 44 -31.96 -1.87 -5.41
CA GLU A 44 -32.50 -0.54 -5.09
C GLU A 44 -33.89 -0.65 -4.41
N HIS A 45 -34.65 -1.72 -4.59
CA HIS A 45 -36.01 -1.79 -4.03
C HIS A 45 -36.09 -2.43 -2.67
N GLY A 46 -35.02 -3.04 -2.19
CA GLY A 46 -35.16 -3.78 -0.96
C GLY A 46 -34.16 -4.91 -0.81
N ARG A 47 -34.39 -5.69 0.22
CA ARG A 47 -33.55 -6.84 0.66
C ARG A 47 -34.50 -8.02 0.82
N PHE A 48 -34.17 -9.18 0.20
CA PHE A 48 -35.07 -10.31 0.09
C PHE A 48 -34.35 -11.63 0.33
N PHE A 49 -34.94 -12.48 1.14
CA PHE A 49 -34.51 -13.82 1.28
C PHE A 49 -35.57 -14.69 0.55
N LEU A 50 -35.09 -15.60 -0.27
CA LEU A 50 -35.92 -16.65 -0.91
C LEU A 50 -35.46 -18.08 -0.60
N ARG A 51 -36.44 -18.96 -0.37
CA ARG A 51 -36.13 -20.38 -0.27
C ARG A 51 -35.77 -20.90 -1.64
N PRO A 52 -34.76 -21.77 -1.75
CA PRO A 52 -34.42 -22.07 -3.13
C PRO A 52 -35.46 -22.94 -3.82
N GLU A 53 -36.23 -23.73 -3.07
CA GLU A 53 -37.26 -24.64 -3.68
C GLU A 53 -38.23 -23.78 -4.48
N THR A 54 -38.38 -22.52 -4.08
CA THR A 54 -39.28 -21.55 -4.67
C THR A 54 -38.69 -20.70 -5.77
N ALA A 55 -37.52 -20.12 -5.51
CA ALA A 55 -36.94 -19.29 -6.50
C ALA A 55 -36.52 -20.05 -7.70
N LEU A 56 -35.94 -21.25 -7.49
CA LEU A 56 -35.32 -21.94 -8.59
C LEU A 56 -36.36 -22.72 -9.48
N ALA A 57 -37.56 -22.86 -8.95
CA ALA A 57 -38.73 -23.38 -9.70
C ALA A 57 -39.54 -22.24 -10.34
N ASP A 58 -39.16 -20.96 -10.08
CA ASP A 58 -39.89 -19.82 -10.61
C ASP A 58 -39.34 -19.42 -11.99
N PRO A 59 -40.16 -19.53 -13.02
CA PRO A 59 -39.69 -19.19 -14.33
C PRO A 59 -39.09 -17.80 -14.46
N GLN A 60 -39.68 -16.78 -13.81
CA GLN A 60 -39.12 -15.45 -14.04
C GLN A 60 -37.76 -15.24 -13.25
N PHE A 61 -37.67 -15.87 -12.10
CA PHE A 61 -36.34 -15.79 -11.35
C PHE A 61 -35.27 -16.49 -12.15
N VAL A 62 -35.60 -17.68 -12.64
CA VAL A 62 -34.63 -18.39 -13.47
C VAL A 62 -34.26 -17.60 -14.72
N ALA A 63 -35.21 -16.91 -15.40
CA ALA A 63 -34.80 -16.17 -16.54
C ALA A 63 -33.90 -14.97 -16.17
N TRP A 64 -34.26 -14.34 -15.02
CA TRP A 64 -33.43 -13.24 -14.52
C TRP A 64 -31.93 -13.69 -14.28
N LEU A 65 -31.85 -14.85 -13.65
CA LEU A 65 -30.46 -15.46 -13.37
C LEU A 65 -29.66 -15.57 -14.60
N GLY A 66 -30.38 -15.97 -15.70
CA GLY A 66 -29.70 -16.27 -16.94
C GLY A 66 -29.60 -15.07 -17.89
N ASP A 67 -30.14 -13.91 -17.47
CA ASP A 67 -30.05 -12.79 -18.35
C ASP A 67 -28.76 -11.99 -18.15
N GLU A 68 -27.89 -11.98 -19.16
CA GLU A 68 -26.66 -11.23 -19.17
C GLU A 68 -26.81 -9.75 -18.85
N THR A 69 -27.97 -9.19 -19.26
CA THR A 69 -28.19 -7.75 -19.08
C THR A 69 -28.59 -7.36 -17.68
N LYS A 70 -28.90 -8.35 -16.85
CA LYS A 70 -29.39 -8.11 -15.46
C LYS A 70 -28.09 -8.36 -14.63
N LYS A 71 -27.46 -7.29 -14.10
CA LYS A 71 -26.08 -7.42 -13.61
C LYS A 71 -26.10 -7.77 -12.14
N LYS A 72 -25.28 -8.75 -11.78
CA LYS A 72 -25.24 -9.25 -10.38
C LYS A 72 -23.85 -9.02 -9.84
N SER A 73 -23.84 -8.58 -8.58
CA SER A 73 -22.60 -8.54 -7.79
CA SER A 73 -22.58 -8.60 -7.84
C SER A 73 -22.70 -9.67 -6.81
N MET A 74 -21.58 -10.40 -6.66
CA MET A 74 -21.61 -11.65 -5.88
C MET A 74 -20.28 -11.79 -5.13
N PHE A 75 -20.23 -12.83 -4.28
CA PHE A 75 -18.93 -13.25 -3.72
C PHE A 75 -18.79 -14.74 -4.14
N ASP A 76 -17.70 -15.10 -4.83
CA ASP A 76 -17.45 -16.53 -5.32
C ASP A 76 -18.58 -16.90 -6.26
N SER A 77 -18.67 -16.17 -7.34
CA SER A 77 -19.67 -16.45 -8.36
C SER A 77 -19.49 -17.85 -8.92
N LYS A 78 -18.25 -18.32 -9.00
CA LYS A 78 -18.07 -19.64 -9.62
C LYS A 78 -18.73 -20.68 -8.80
N ARG A 79 -18.70 -20.67 -7.48
CA ARG A 79 -19.29 -21.66 -6.64
C ARG A 79 -20.84 -21.65 -6.90
N ALA A 80 -21.45 -20.48 -6.98
CA ALA A 80 -22.89 -20.41 -7.25
C ALA A 80 -23.12 -20.89 -8.67
N ALA A 81 -22.37 -20.49 -9.70
CA ALA A 81 -22.58 -20.84 -11.09
C ALA A 81 -22.56 -22.35 -11.19
N VAL A 82 -21.56 -22.99 -10.56
CA VAL A 82 -21.47 -24.44 -10.75
C VAL A 82 -22.57 -25.10 -9.99
N ALA A 83 -22.85 -24.73 -8.79
CA ALA A 83 -23.98 -25.39 -8.01
C ALA A 83 -25.28 -25.22 -8.80
N LEU A 84 -25.48 -24.14 -9.49
CA LEU A 84 -26.74 -23.89 -10.29
C LEU A 84 -26.66 -24.80 -11.52
N LYS A 85 -25.50 -24.97 -12.19
CA LYS A 85 -25.37 -25.85 -13.37
C LYS A 85 -25.78 -27.24 -12.99
N TRP A 86 -25.49 -27.70 -11.79
CA TRP A 86 -25.85 -29.05 -11.31
C TRP A 86 -27.37 -29.19 -11.12
N LYS A 87 -28.03 -28.04 -10.93
CA LYS A 87 -29.50 -27.94 -10.87
C LYS A 87 -30.05 -27.60 -12.22
N GLY A 88 -29.33 -27.60 -13.33
CA GLY A 88 -29.73 -27.25 -14.70
C GLY A 88 -30.14 -25.78 -14.96
N ILE A 89 -29.54 -24.87 -14.16
CA ILE A 89 -29.82 -23.43 -14.14
C ILE A 89 -28.58 -22.68 -14.57
N GLU A 90 -28.64 -21.83 -15.55
CA GLU A 90 -27.59 -20.96 -16.06
C GLU A 90 -27.59 -19.56 -15.32
N LEU A 91 -26.46 -19.20 -14.74
CA LEU A 91 -26.26 -17.85 -14.11
C LEU A 91 -25.38 -17.07 -15.07
N GLY A 93 -24.36 -12.66 -16.31
CA GLY A 93 -24.42 -11.24 -15.89
C GLY A 93 -23.72 -10.88 -14.62
N VAL A 94 -22.80 -11.71 -14.21
CA VAL A 94 -22.03 -11.34 -12.97
C VAL A 94 -21.07 -10.27 -13.35
N SER A 95 -21.24 -9.02 -12.86
CA SER A 95 -20.31 -7.98 -13.19
C SER A 95 -19.31 -7.57 -12.13
N PHE A 96 -19.48 -8.16 -10.96
CA PHE A 96 -18.52 -7.89 -9.83
C PHE A 96 -18.47 -9.10 -8.93
N ASP A 97 -17.26 -9.59 -8.72
CA ASP A 97 -17.06 -10.70 -7.77
C ASP A 97 -16.11 -10.23 -6.62
N LEU A 98 -16.74 -10.05 -5.49
CA LEU A 98 -16.00 -9.50 -4.30
C LEU A 98 -14.90 -10.44 -3.89
N LEU A 99 -15.01 -11.77 -4.02
CA LEU A 99 -13.90 -12.64 -3.72
C LEU A 99 -12.67 -12.36 -4.59
N LEU A 100 -12.87 -12.21 -5.90
CA LEU A 100 -11.75 -11.97 -6.78
C LEU A 100 -11.20 -10.52 -6.62
N ALA A 101 -12.11 -9.60 -6.31
CA ALA A 101 -11.68 -8.17 -6.01
C ALA A 101 -10.71 -8.17 -4.82
N ALA A 102 -11.10 -8.88 -3.76
CA ALA A 102 -10.25 -8.94 -2.51
C ALA A 102 -8.96 -9.61 -2.78
N TYR A 103 -8.96 -10.73 -3.52
CA TYR A 103 -7.78 -11.44 -3.89
C TYR A 103 -6.79 -10.58 -4.64
N LEU A 104 -7.30 -9.79 -5.59
CA LEU A 104 -6.38 -8.94 -6.30
C LEU A 104 -5.81 -7.83 -5.43
N LEU A 105 -6.61 -7.31 -4.55
CA LEU A 105 -6.09 -6.24 -3.63
C LEU A 105 -5.02 -6.74 -2.71
N ASP A 106 -5.15 -7.95 -2.21
CA ASP A 106 -4.05 -8.53 -1.36
C ASP A 106 -4.27 -10.02 -1.16
N PRO A 107 -3.53 -10.84 -1.90
CA PRO A 107 -3.79 -12.25 -1.76
C PRO A 107 -3.33 -12.71 -0.38
N ALA A 108 -2.50 -11.96 0.40
CA ALA A 108 -2.00 -12.55 1.65
C ALA A 108 -3.07 -12.45 2.73
N GLN A 109 -4.15 -11.68 2.54
CA GLN A 109 -5.27 -11.65 3.52
C GLN A 109 -6.02 -12.97 3.56
N GLY A 110 -5.92 -13.82 2.53
CA GLY A 110 -6.54 -15.16 2.57
C GLY A 110 -8.02 -15.03 2.65
N VAL A 111 -8.59 -13.98 2.04
CA VAL A 111 -10.05 -13.77 2.11
C VAL A 111 -10.76 -14.93 1.50
N ASP A 112 -11.67 -15.52 2.33
CA ASP A 112 -12.42 -16.65 1.83
C ASP A 112 -13.86 -16.55 2.35
N ASP A 113 -14.23 -15.42 2.88
CA ASP A 113 -15.68 -15.20 3.17
C ASP A 113 -16.00 -13.73 3.08
N VAL A 114 -17.28 -13.38 2.92
CA VAL A 114 -17.66 -11.97 2.79
C VAL A 114 -17.14 -11.16 3.94
N ALA A 115 -17.26 -11.67 5.17
CA ALA A 115 -16.82 -10.86 6.32
C ALA A 115 -15.33 -10.51 6.25
N ALA A 116 -14.51 -11.42 5.72
CA ALA A 116 -13.05 -11.10 5.60
C ALA A 116 -12.82 -10.00 4.56
N ALA A 117 -13.54 -10.06 3.44
CA ALA A 117 -13.44 -8.98 2.47
C ALA A 117 -13.93 -7.70 3.12
N ALA A 118 -15.02 -7.72 3.89
CA ALA A 118 -15.59 -6.54 4.51
C ALA A 118 -14.60 -5.93 5.46
N LYS A 119 -13.77 -6.78 6.09
CA LYS A 119 -12.75 -6.27 7.11
C LYS A 119 -11.80 -5.30 6.43
N MET A 120 -11.53 -5.55 5.17
CA MET A 120 -10.61 -4.69 4.36
C MET A 120 -11.08 -3.21 4.24
N LYS A 121 -12.37 -3.00 4.36
CA LYS A 121 -13.00 -1.68 4.33
C LYS A 121 -13.64 -1.27 5.68
N GLN A 122 -13.29 -1.99 6.76
CA GLN A 122 -13.83 -1.78 8.12
C GLN A 122 -15.33 -1.85 8.09
N TYR A 123 -15.92 -2.73 7.24
CA TYR A 123 -17.37 -2.82 7.21
C TYR A 123 -17.74 -3.97 8.15
N GLU A 124 -18.60 -3.68 9.18
CA GLU A 124 -18.78 -4.63 10.30
C GLU A 124 -20.13 -5.28 10.33
N ALA A 125 -21.00 -4.96 9.37
CA ALA A 125 -22.42 -5.36 9.52
C ALA A 125 -22.76 -6.73 8.94
N VAL A 126 -21.81 -7.65 9.11
CA VAL A 126 -21.89 -8.99 8.61
C VAL A 126 -21.01 -9.92 9.43
N ARG A 127 -21.47 -11.15 9.67
CA ARG A 127 -20.70 -12.03 10.49
C ARG A 127 -19.85 -13.01 9.63
N PRO A 128 -18.77 -13.60 10.14
CA PRO A 128 -18.08 -14.62 9.44
C PRO A 128 -18.89 -15.86 9.25
N ASP A 129 -18.72 -16.54 8.11
CA ASP A 129 -19.48 -17.78 7.84
C ASP A 129 -19.17 -18.80 8.97
N GLU A 130 -17.90 -18.89 9.42
CA GLU A 130 -17.70 -19.84 10.55
C GLU A 130 -18.46 -19.55 11.83
N ALA A 131 -18.74 -18.28 12.15
CA ALA A 131 -19.50 -17.91 13.32
C ALA A 131 -20.93 -18.46 13.17
N VAL A 132 -21.44 -18.47 11.96
CA VAL A 132 -22.85 -18.83 11.73
C VAL A 132 -23.00 -20.33 11.53
N TYR A 133 -22.17 -20.94 10.69
CA TYR A 133 -22.28 -22.35 10.38
C TYR A 133 -21.55 -23.27 11.36
N GLY A 134 -20.59 -22.70 12.09
CA GLY A 134 -19.67 -23.51 12.92
C GLY A 134 -18.54 -24.16 12.16
N LYS A 135 -17.52 -24.57 12.90
CA LYS A 135 -16.34 -25.21 12.28
C LYS A 135 -16.41 -26.74 12.37
N GLY A 136 -15.83 -27.44 11.41
CA GLY A 136 -15.59 -28.86 11.50
C GLY A 136 -16.86 -29.62 11.68
N ALA A 137 -16.90 -30.43 12.75
CA ALA A 137 -17.97 -31.38 12.93
C ALA A 137 -19.21 -30.68 13.44
N LYS A 138 -19.04 -29.45 13.91
CA LYS A 138 -20.13 -28.58 14.32
C LYS A 138 -20.83 -27.93 13.10
N ARG A 139 -20.27 -28.07 11.88
CA ARG A 139 -20.85 -27.39 10.68
C ARG A 139 -22.31 -27.81 10.46
N ALA A 140 -23.17 -26.80 10.33
CA ALA A 140 -24.61 -27.01 10.09
C ALA A 140 -25.35 -25.74 9.69
N VAL A 141 -26.34 -25.91 8.80
CA VAL A 141 -27.23 -24.83 8.43
C VAL A 141 -28.11 -24.45 9.61
N PRO A 142 -28.12 -23.16 10.03
CA PRO A 142 -28.97 -22.82 11.11
C PRO A 142 -30.48 -22.79 10.71
N ASP A 143 -31.30 -22.64 11.73
CA ASP A 143 -32.74 -22.36 11.61
C ASP A 143 -32.94 -21.16 10.65
N GLU A 144 -33.91 -21.29 9.76
CA GLU A 144 -34.26 -20.27 8.76
C GLU A 144 -34.08 -18.79 9.12
N PRO A 145 -34.58 -18.32 10.26
CA PRO A 145 -34.48 -16.86 10.45
C PRO A 145 -32.99 -16.46 10.63
N VAL A 146 -32.17 -17.29 11.25
CA VAL A 146 -30.73 -17.02 11.42
C VAL A 146 -30.05 -17.13 10.04
N LEU A 147 -30.35 -18.19 9.29
CA LEU A 147 -29.83 -18.31 7.94
C LEU A 147 -30.19 -17.08 7.11
N ALA A 148 -31.48 -16.73 7.09
CA ALA A 148 -31.93 -15.62 6.16
C ALA A 148 -31.21 -14.30 6.53
N GLU A 149 -31.03 -14.06 7.84
CA GLU A 149 -30.38 -12.83 8.24
C GLU A 149 -28.94 -12.82 7.72
N HIS A 150 -28.27 -13.96 7.87
CA HIS A 150 -26.85 -14.06 7.45
C HIS A 150 -26.74 -13.82 5.92
N LEU A 151 -27.62 -14.46 5.14
CA LEU A 151 -27.45 -14.32 3.70
C LEU A 151 -27.82 -12.91 3.25
N VAL A 152 -28.80 -12.26 3.90
CA VAL A 152 -29.15 -10.92 3.52
C VAL A 152 -27.97 -9.96 3.90
N ARG A 153 -27.39 -10.16 5.06
CA ARG A 153 -26.25 -9.28 5.41
C ARG A 153 -25.06 -9.47 4.52
N LYS A 154 -24.85 -10.67 4.02
CA LYS A 154 -23.80 -10.90 2.98
C LYS A 154 -24.11 -10.15 1.70
N ALA A 155 -25.36 -10.24 1.23
CA ALA A 155 -25.71 -9.54 0.00
C ALA A 155 -25.65 -8.00 0.18
N ALA A 156 -26.09 -7.50 1.38
CA ALA A 156 -25.97 -6.11 1.66
C ALA A 156 -24.50 -5.64 1.77
N ALA A 157 -23.63 -6.46 2.30
CA ALA A 157 -22.21 -6.13 2.33
C ALA A 157 -21.67 -6.03 0.87
N ILE A 158 -22.00 -7.01 0.03
CA ILE A 158 -21.55 -6.92 -1.38
C ILE A 158 -22.10 -5.66 -2.08
N TRP A 159 -23.35 -5.35 -1.85
CA TRP A 159 -23.91 -4.13 -2.37
C TRP A 159 -23.13 -2.90 -1.97
N GLU A 160 -22.82 -2.77 -0.71
CA GLU A 160 -22.11 -1.58 -0.23
C GLU A 160 -20.65 -1.57 -0.57
N LEU A 161 -20.02 -2.72 -0.75
CA LEU A 161 -18.58 -2.78 -0.86
C LEU A 161 -18.09 -2.64 -2.29
N GLU A 162 -18.99 -2.77 -3.28
CA GLU A 162 -18.53 -2.85 -4.71
C GLU A 162 -17.74 -1.57 -5.12
N ARG A 163 -18.36 -0.42 -4.81
CA ARG A 163 -17.75 0.86 -5.15
C ARG A 163 -16.38 1.04 -4.47
N PRO A 164 -16.29 0.88 -3.15
CA PRO A 164 -15.00 1.03 -2.48
C PRO A 164 -13.90 0.09 -3.08
N PHE A 165 -14.29 -1.18 -3.36
CA PHE A 165 -13.30 -2.07 -3.93
C PHE A 165 -12.93 -1.72 -5.35
N LEU A 166 -13.88 -1.30 -6.18
CA LEU A 166 -13.48 -0.86 -7.54
C LEU A 166 -12.61 0.35 -7.50
N ASP A 167 -12.93 1.32 -6.59
CA ASP A 167 -11.95 2.43 -6.51
C ASP A 167 -10.54 2.11 -6.15
N GLU A 168 -10.31 1.21 -5.15
CA GLU A 168 -9.01 0.82 -4.84
C GLU A 168 -8.36 0.06 -6.02
N LEU A 169 -9.17 -0.85 -6.58
CA LEU A 169 -8.62 -1.55 -7.78
C LEU A 169 -8.15 -0.59 -8.86
N ARG A 170 -8.93 0.43 -9.12
CA ARG A 170 -8.42 1.45 -10.12
C ARG A 170 -7.05 2.06 -9.67
N ARG A 171 -6.94 2.54 -8.40
CA ARG A 171 -5.62 3.06 -7.91
C ARG A 171 -4.49 2.12 -8.12
N ASN A 172 -4.73 0.78 -7.98
CA ASN A 172 -3.70 -0.15 -8.18
C ASN A 172 -3.52 -0.61 -9.63
N GLU A 173 -4.28 -0.02 -10.53
CA GLU A 173 -4.23 -0.31 -11.98
C GLU A 173 -4.74 -1.77 -12.15
N GLN A 174 -5.74 -2.14 -11.31
CA GLN A 174 -6.18 -3.58 -11.34
C GLN A 174 -7.64 -3.66 -11.77
N ASP A 175 -8.25 -2.56 -12.27
CA ASP A 175 -9.65 -2.59 -12.58
C ASP A 175 -9.87 -3.48 -13.83
N ARG A 176 -8.96 -3.41 -14.80
CA ARG A 176 -9.12 -4.25 -15.99
C ARG A 176 -8.74 -5.69 -15.61
N LEU A 177 -7.74 -5.83 -14.74
CA LEU A 177 -7.36 -7.17 -14.28
C LEU A 177 -8.58 -7.90 -13.72
N LEU A 178 -9.43 -7.22 -12.91
CA LEU A 178 -10.66 -7.88 -12.48
C LEU A 178 -11.61 -8.15 -13.59
N VAL A 179 -12.06 -7.09 -14.26
CA VAL A 179 -13.22 -7.15 -15.14
C VAL A 179 -12.88 -7.79 -16.49
N GLU A 180 -11.66 -7.69 -16.98
CA GLU A 180 -11.32 -8.27 -18.31
C GLU A 180 -10.56 -9.56 -18.16
N LEU A 181 -10.02 -9.89 -16.98
CA LEU A 181 -9.25 -11.11 -16.91
C LEU A 181 -9.89 -12.03 -15.89
N GLU A 182 -9.84 -11.70 -14.59
CA GLU A 182 -10.29 -12.68 -13.63
C GLU A 182 -11.75 -13.08 -13.70
N GLN A 183 -12.62 -12.09 -13.88
CA GLN A 183 -14.10 -12.43 -13.89
C GLN A 183 -14.46 -13.32 -15.16
N PRO A 184 -13.95 -12.97 -16.36
CA PRO A 184 -14.31 -13.86 -17.47
C PRO A 184 -13.65 -15.22 -17.28
N LEU A 185 -12.47 -15.29 -16.61
CA LEU A 185 -11.82 -16.60 -16.41
C LEU A 185 -12.71 -17.42 -15.47
N SER A 186 -13.37 -16.83 -14.46
CA SER A 186 -14.14 -17.58 -13.52
C SER A 186 -15.24 -18.34 -14.33
N SER A 187 -15.83 -17.69 -15.34
CA SER A 187 -16.90 -18.39 -16.07
C SER A 187 -16.35 -19.58 -16.84
N ILE A 188 -15.15 -19.40 -17.37
CA ILE A 188 -14.47 -20.50 -18.07
C ILE A 188 -14.17 -21.66 -17.14
N LEU A 189 -13.60 -21.36 -15.97
CA LEU A 189 -13.32 -22.41 -15.04
C LEU A 189 -14.59 -23.11 -14.63
N ALA A 190 -15.70 -22.40 -14.48
CA ALA A 190 -16.95 -23.05 -14.00
C ALA A 190 -17.33 -24.10 -15.04
N GLU A 191 -17.21 -23.73 -16.30
CA GLU A 191 -17.56 -24.70 -17.34
C GLU A 191 -16.59 -25.87 -17.32
N MET A 192 -15.27 -25.63 -17.14
CA MET A 192 -14.33 -26.77 -17.12
C MET A 192 -14.63 -27.70 -15.97
N GLU A 193 -14.93 -27.17 -14.77
CA GLU A 193 -15.17 -27.96 -13.57
C GLU A 193 -16.46 -28.79 -13.82
N PHE A 194 -17.53 -28.09 -14.30
CA PHE A 194 -18.82 -28.87 -14.44
C PHE A 194 -18.71 -29.95 -15.52
N ALA A 195 -18.02 -29.66 -16.62
CA ALA A 195 -17.77 -30.71 -17.67
C ALA A 195 -17.04 -31.91 -17.04
N GLY A 196 -16.01 -31.65 -16.22
CA GLY A 196 -15.25 -32.76 -15.62
C GLY A 196 -14.34 -33.41 -16.65
N VAL A 197 -13.58 -34.40 -16.19
CA VAL A 197 -12.72 -35.18 -17.09
C VAL A 197 -13.11 -36.65 -16.86
N LYS A 198 -13.27 -37.31 -17.99
CA LYS A 198 -13.67 -38.77 -17.96
C LYS A 198 -12.45 -39.61 -17.58
N VAL A 199 -12.69 -40.64 -16.75
CA VAL A 199 -11.60 -41.50 -16.28
C VAL A 199 -12.01 -42.94 -16.67
N ASP A 200 -10.98 -43.74 -16.99
CA ASP A 200 -11.15 -45.17 -17.36
C ASP A 200 -10.92 -45.91 -16.07
N THR A 201 -11.98 -46.15 -15.30
CA THR A 201 -11.85 -46.66 -13.96
C THR A 201 -11.35 -48.13 -13.99
N LYS A 202 -11.72 -48.87 -15.05
CA LYS A 202 -11.18 -50.22 -15.20
C LYS A 202 -9.66 -50.22 -15.27
N ARG A 203 -9.11 -49.29 -16.05
CA ARG A 203 -7.65 -49.19 -16.09
C ARG A 203 -7.10 -48.78 -14.72
N LEU A 204 -7.69 -47.82 -14.05
CA LEU A 204 -7.23 -47.47 -12.72
C LEU A 204 -7.26 -48.63 -11.79
N GLU A 205 -8.36 -49.43 -11.87
CA GLU A 205 -8.53 -50.55 -10.90
C GLU A 205 -7.48 -51.63 -11.18
N GLN A 206 -7.18 -51.84 -12.46
CA GLN A 206 -6.16 -52.77 -12.84
C GLN A 206 -4.79 -52.26 -12.42
N MET A 207 -4.42 -51.00 -12.70
CA MET A 207 -3.16 -50.43 -12.09
C MET A 207 -3.09 -50.52 -10.57
N GLY A 208 -4.20 -50.34 -9.86
CA GLY A 208 -4.29 -50.51 -8.40
C GLY A 208 -4.00 -51.96 -7.89
N LYS A 209 -4.52 -52.95 -8.62
CA LYS A 209 -4.19 -54.39 -8.49
C LYS A 209 -2.66 -54.56 -8.62
N GLU A 210 -2.10 -54.11 -9.74
CA GLU A 210 -0.67 -54.36 -10.04
C GLU A 210 0.21 -53.62 -9.06
N LEU A 211 -0.17 -52.42 -8.64
CA LEU A 211 0.64 -51.69 -7.67
C LEU A 211 0.59 -52.33 -6.29
N ALA A 212 -0.54 -52.95 -5.91
CA ALA A 212 -0.69 -53.54 -4.55
C ALA A 212 0.29 -54.74 -4.51
N GLU A 213 0.42 -55.45 -5.62
CA GLU A 213 1.38 -56.59 -5.69
C GLU A 213 2.80 -56.07 -5.50
N GLN A 214 3.13 -55.04 -6.27
CA GLN A 214 4.52 -54.54 -6.35
C GLN A 214 4.97 -53.79 -5.08
N LEU A 215 4.07 -53.03 -4.43
CA LEU A 215 4.31 -52.56 -3.04
C LEU A 215 4.67 -53.68 -2.02
N GLY A 216 3.95 -54.79 -2.10
CA GLY A 216 4.18 -55.92 -1.19
C GLY A 216 5.55 -56.54 -1.42
N THR A 217 5.96 -56.68 -2.69
CA THR A 217 7.34 -57.12 -3.10
C THR A 217 8.41 -56.19 -2.56
N VAL A 218 8.25 -54.89 -2.77
CA VAL A 218 9.28 -53.96 -2.35
C VAL A 218 9.34 -53.89 -0.81
N GLU A 219 8.19 -53.97 -0.15
CA GLU A 219 8.07 -53.85 1.30
C GLU A 219 8.90 -55.00 1.92
N GLN A 220 8.75 -56.18 1.34
CA GLN A 220 9.35 -57.40 1.87
C GLN A 220 10.87 -57.38 1.74
N ARG A 221 11.36 -56.92 0.59
CA ARG A 221 12.76 -56.72 0.33
C ARG A 221 13.37 -55.69 1.31
N ILE A 222 12.64 -54.61 1.62
CA ILE A 222 13.08 -53.65 2.60
C ILE A 222 13.25 -54.28 4.00
N TYR A 223 12.26 -55.07 4.39
CA TYR A 223 12.31 -55.76 5.64
C TYR A 223 13.44 -56.75 5.67
N GLU A 224 13.68 -57.43 4.55
CA GLU A 224 14.84 -58.36 4.45
C GLU A 224 16.15 -57.61 4.67
N LEU A 225 16.33 -56.48 3.98
CA LEU A 225 17.57 -55.69 4.05
C LEU A 225 17.83 -55.03 5.39
N ALA A 226 16.76 -54.68 6.10
CA ALA A 226 16.80 -54.11 7.42
C ALA A 226 16.90 -55.18 8.48
N GLY A 227 16.51 -56.41 8.12
CA GLY A 227 16.40 -57.50 9.13
C GLY A 227 15.37 -57.20 10.21
N GLN A 228 14.26 -56.58 9.81
CA GLN A 228 13.21 -56.23 10.74
C GLN A 228 12.03 -55.60 9.98
N GLU A 229 10.81 -55.90 10.46
CA GLU A 229 9.59 -55.31 9.91
C GLU A 229 9.39 -54.06 10.58
N PHE A 230 8.98 -53.04 9.83
CA PHE A 230 8.76 -51.75 10.44
C PHE A 230 7.85 -50.94 9.47
N ASN A 231 7.39 -49.82 10.01
CA ASN A 231 6.61 -48.84 9.20
C ASN A 231 7.46 -47.88 8.40
N ILE A 232 7.55 -48.20 7.10
CA ILE A 232 8.41 -47.49 6.15
C ILE A 232 7.91 -46.05 6.02
N ASN A 233 6.59 -45.83 6.26
CA ASN A 233 6.04 -44.45 6.25
C ASN A 233 6.09 -43.72 7.55
N SER A 234 6.68 -44.32 8.59
CA SER A 234 6.84 -43.61 9.82
C SER A 234 8.25 -43.06 9.86
N PRO A 235 8.40 -41.74 10.09
CA PRO A 235 9.72 -41.13 10.18
C PRO A 235 10.47 -41.65 11.38
N LYS A 236 9.75 -41.95 12.44
CA LYS A 236 10.42 -42.39 13.65
C LYS A 236 10.97 -43.76 13.40
N GLN A 237 10.18 -44.67 12.83
CA GLN A 237 10.60 -46.04 12.70
C GLN A 237 11.73 -46.10 11.62
N LEU A 238 11.52 -45.40 10.47
CA LEU A 238 12.52 -45.47 9.39
C LEU A 238 13.83 -44.87 9.88
N GLY A 239 13.79 -43.79 10.64
CA GLY A 239 14.99 -43.17 11.18
C GLY A 239 15.74 -44.12 12.16
N VAL A 240 15.02 -44.92 12.96
CA VAL A 240 15.69 -45.89 13.85
C VAL A 240 16.39 -46.93 12.99
N ILE A 241 15.72 -47.47 11.96
CA ILE A 241 16.38 -48.47 11.14
C ILE A 241 17.61 -47.88 10.47
N LEU A 242 17.51 -46.66 9.89
CA LEU A 242 18.61 -46.20 9.05
C LEU A 242 19.78 -45.79 9.93
N PHE A 243 19.48 -45.09 11.01
CA PHE A 243 20.48 -44.32 11.69
C PHE A 243 20.91 -44.99 12.99
N GLU A 244 20.16 -45.99 13.46
CA GLU A 244 20.48 -46.68 14.71
C GLU A 244 20.77 -48.15 14.47
N LYS A 245 19.88 -48.91 13.80
CA LYS A 245 20.26 -50.28 13.42
C LYS A 245 21.41 -50.33 12.36
N LEU A 246 21.22 -49.65 11.25
CA LEU A 246 22.14 -49.76 10.09
C LEU A 246 23.33 -48.86 10.21
N GLN A 247 23.27 -47.90 11.13
CA GLN A 247 24.36 -47.00 11.47
C GLN A 247 24.79 -46.08 10.34
N LEU A 248 23.83 -45.65 9.50
CA LEU A 248 24.18 -44.66 8.47
C LEU A 248 24.41 -43.33 9.06
N PRO A 249 25.22 -42.45 8.43
CA PRO A 249 25.49 -41.11 8.94
C PRO A 249 24.24 -40.24 8.91
N VAL A 250 24.15 -39.35 9.88
CA VAL A 250 23.02 -38.44 9.98
C VAL A 250 23.40 -37.20 9.30
N LEU A 251 22.83 -36.95 8.12
CA LEU A 251 23.25 -35.82 7.29
C LEU A 251 22.45 -34.55 7.56
N LYS A 252 21.21 -34.72 8.02
CA LYS A 252 20.37 -33.55 8.25
C LYS A 252 19.34 -33.90 9.33
N LYS A 253 18.96 -32.89 10.11
CA LYS A 253 17.84 -33.08 11.03
C LYS A 253 16.64 -32.24 10.66
N THR A 254 15.49 -32.79 11.00
CA THR A 254 14.21 -32.06 10.84
C THR A 254 13.82 -31.64 12.25
N LYS A 255 12.76 -30.84 12.38
CA LYS A 255 12.40 -30.34 13.71
C LYS A 255 12.12 -31.47 14.73
N THR A 256 11.59 -32.59 14.24
CA THR A 256 11.18 -33.76 15.06
C THR A 256 12.08 -35.03 15.06
N GLY A 257 13.16 -35.03 14.26
CA GLY A 257 14.07 -36.18 14.26
C GLY A 257 15.13 -36.09 13.15
N TYR A 258 15.40 -37.28 12.57
CA TYR A 258 16.38 -37.47 11.46
C TYR A 258 15.68 -37.28 10.13
N SER A 259 16.20 -36.41 9.23
CA SER A 259 15.70 -36.26 7.84
C SER A 259 15.86 -37.55 7.06
N THR A 260 14.80 -37.91 6.33
CA THR A 260 14.91 -38.90 5.25
C THR A 260 14.40 -38.32 3.90
N SER A 261 14.70 -37.08 3.63
CA SER A 261 14.35 -36.41 2.43
C SER A 261 15.00 -37.06 1.21
N ALA A 262 14.45 -36.80 0.04
CA ALA A 262 14.90 -37.42 -1.20
C ALA A 262 16.37 -37.05 -1.37
N ASP A 263 16.74 -35.83 -1.06
CA ASP A 263 18.13 -35.39 -1.29
C ASP A 263 19.06 -36.08 -0.26
N VAL A 264 18.65 -36.19 1.01
CA VAL A 264 19.38 -36.96 2.02
C VAL A 264 19.55 -38.41 1.57
N LEU A 265 18.49 -39.08 1.19
CA LEU A 265 18.60 -40.43 0.74
C LEU A 265 19.53 -40.60 -0.48
N GLU A 266 19.47 -39.72 -1.45
CA GLU A 266 20.47 -39.74 -2.53
C GLU A 266 21.93 -39.79 -2.02
N LYS A 267 22.21 -38.97 -1.03
CA LYS A 267 23.55 -38.88 -0.46
C LYS A 267 23.89 -40.14 0.32
N LEU A 268 22.88 -40.82 0.86
CA LEU A 268 23.10 -42.09 1.62
C LEU A 268 23.15 -43.35 0.75
N ALA A 269 22.72 -43.26 -0.52
CA ALA A 269 22.60 -44.45 -1.39
C ALA A 269 23.93 -45.30 -1.51
N PRO A 270 25.09 -44.63 -1.49
CA PRO A 270 26.43 -45.33 -1.54
C PRO A 270 26.65 -46.19 -0.32
N TYR A 271 25.84 -46.01 0.74
CA TYR A 271 26.08 -46.75 2.04
C TYR A 271 25.36 -48.05 2.20
N HIS A 272 24.17 -48.14 1.64
CA HIS A 272 23.34 -49.31 1.84
C HIS A 272 22.31 -49.45 0.75
N GLU A 273 22.09 -50.67 0.29
CA GLU A 273 21.13 -50.88 -0.81
C GLU A 273 19.67 -50.67 -0.34
N ILE A 274 19.43 -50.63 0.96
CA ILE A 274 18.06 -50.37 1.45
C ILE A 274 17.56 -48.96 0.99
N VAL A 275 18.45 -48.03 0.83
CA VAL A 275 18.13 -46.63 0.55
C VAL A 275 17.40 -46.51 -0.83
N GLU A 276 17.97 -47.11 -1.89
CA GLU A 276 17.27 -47.10 -3.19
C GLU A 276 15.89 -47.76 -3.15
N ASN A 277 15.76 -48.89 -2.44
CA ASN A 277 14.46 -49.57 -2.23
C ASN A 277 13.41 -48.69 -1.52
N ILE A 278 13.86 -47.94 -0.51
CA ILE A 278 12.94 -47.07 0.23
C ILE A 278 12.45 -45.98 -0.73
N LEU A 279 13.34 -45.43 -1.54
CA LEU A 279 12.95 -44.33 -2.49
C LEU A 279 11.89 -44.88 -3.44
N HIS A 280 12.05 -46.14 -3.81
CA HIS A 280 11.10 -46.82 -4.70
C HIS A 280 9.75 -47.12 -4.07
N TYR A 281 9.73 -47.74 -2.91
CA TYR A 281 8.55 -47.91 -2.19
C TYR A 281 7.71 -46.60 -2.07
N ARG A 282 8.37 -45.52 -1.69
CA ARG A 282 7.68 -44.24 -1.49
C ARG A 282 7.04 -43.76 -2.76
N GLN A 283 7.77 -43.90 -3.87
CA GLN A 283 7.20 -43.53 -5.17
C GLN A 283 5.94 -44.38 -5.49
N LEU A 284 6.03 -45.68 -5.33
CA LEU A 284 4.88 -46.54 -5.54
C LEU A 284 3.71 -46.23 -4.61
N GLY A 285 4.03 -45.94 -3.36
CA GLY A 285 3.05 -45.66 -2.32
C GLY A 285 2.25 -44.41 -2.68
N LYS A 286 2.97 -43.40 -3.19
CA LYS A 286 2.28 -42.18 -3.66
C LYS A 286 1.28 -42.49 -4.83
N LEU A 287 1.68 -43.33 -5.77
CA LEU A 287 0.87 -43.70 -6.93
C LEU A 287 -0.37 -44.38 -6.45
N GLN A 288 -0.25 -45.32 -5.53
CA GLN A 288 -1.39 -46.01 -5.00
C GLN A 288 -2.26 -45.15 -4.10
N SER A 289 -1.67 -44.47 -3.12
CA SER A 289 -2.49 -43.88 -2.09
C SER A 289 -3.14 -42.61 -2.58
N THR A 290 -2.38 -41.79 -3.31
CA THR A 290 -2.93 -40.54 -3.82
C THR A 290 -3.65 -40.69 -5.14
N TYR A 291 -3.05 -41.27 -6.13
CA TYR A 291 -3.58 -41.18 -7.48
C TYR A 291 -4.62 -42.27 -7.75
N ILE A 292 -4.24 -43.55 -7.54
CA ILE A 292 -5.21 -44.61 -7.74
C ILE A 292 -6.40 -44.58 -6.76
N GLU A 293 -6.14 -44.64 -5.50
CA GLU A 293 -7.18 -44.68 -4.49
C GLU A 293 -7.92 -43.36 -4.45
N GLY A 294 -7.21 -42.25 -4.54
CA GLY A 294 -7.90 -40.91 -4.59
C GLY A 294 -8.80 -40.69 -5.79
N LEU A 295 -8.34 -40.93 -7.00
CA LEU A 295 -9.24 -40.75 -8.13
C LEU A 295 -10.44 -41.66 -8.07
N LEU A 296 -10.24 -42.94 -7.62
CA LEU A 296 -11.34 -43.85 -7.59
C LEU A 296 -12.38 -43.43 -6.52
N LYS A 297 -11.95 -42.77 -5.45
CA LYS A 297 -12.84 -42.27 -4.44
C LYS A 297 -13.74 -41.18 -5.00
N VAL A 298 -13.21 -40.33 -5.87
CA VAL A 298 -13.95 -39.11 -6.19
C VAL A 298 -14.64 -39.14 -7.53
N VAL A 299 -14.31 -40.10 -8.38
CA VAL A 299 -15.05 -40.28 -9.64
C VAL A 299 -16.54 -40.54 -9.40
N ARG A 300 -17.35 -39.86 -10.21
CA ARG A 300 -18.80 -40.09 -10.17
C ARG A 300 -19.05 -41.42 -10.99
N PRO A 301 -19.51 -42.52 -10.32
CA PRO A 301 -19.53 -43.83 -11.00
C PRO A 301 -20.44 -43.92 -12.19
N ALA A 302 -21.52 -43.16 -12.23
CA ALA A 302 -22.45 -43.33 -13.40
C ALA A 302 -22.00 -42.58 -14.64
N THR A 303 -21.09 -41.61 -14.48
CA THR A 303 -20.64 -40.83 -15.66
C THR A 303 -19.11 -41.02 -15.95
N LYS A 304 -18.48 -41.59 -14.91
CA LYS A 304 -17.01 -41.84 -14.81
C LYS A 304 -16.22 -40.52 -14.93
N LYS A 305 -16.87 -39.43 -14.56
CA LYS A 305 -16.16 -38.09 -14.51
C LYS A 305 -15.64 -37.73 -13.18
N VAL A 306 -14.48 -37.06 -13.20
CA VAL A 306 -14.00 -36.40 -12.03
CA VAL A 306 -13.94 -36.43 -12.08
C VAL A 306 -14.09 -34.87 -12.27
N HIS A 307 -14.60 -34.21 -11.22
CA HIS A 307 -14.86 -32.73 -11.26
C HIS A 307 -14.01 -32.03 -10.20
N THR A 308 -12.86 -31.51 -10.71
CA THR A 308 -12.02 -30.84 -9.72
C THR A 308 -12.63 -29.43 -9.40
N ILE A 309 -12.02 -28.75 -8.43
CA ILE A 309 -12.35 -27.32 -8.15
C ILE A 309 -11.02 -26.55 -8.39
N PHE A 310 -11.04 -25.60 -9.30
CA PHE A 310 -9.88 -24.64 -9.45
C PHE A 310 -10.07 -23.47 -8.52
N ASN A 311 -9.17 -23.33 -7.54
CA ASN A 311 -9.28 -22.24 -6.61
C ASN A 311 -8.52 -21.09 -7.32
N GLN A 312 -9.30 -20.05 -7.61
CA GLN A 312 -8.80 -18.87 -8.25
C GLN A 312 -8.36 -17.86 -7.31
N ALA A 313 -8.58 -18.01 -6.07
CA ALA A 313 -8.34 -16.89 -5.09
C ALA A 313 -7.52 -17.37 -3.94
N LEU A 314 -6.47 -18.12 -4.27
CA LEU A 314 -5.67 -18.75 -3.20
C LEU A 314 -4.19 -18.46 -3.31
N THR A 315 -3.58 -18.61 -4.43
CA THR A 315 -2.05 -18.55 -4.41
C THR A 315 -1.58 -17.08 -4.27
N GLN A 316 -0.35 -16.98 -3.72
CA GLN A 316 0.18 -15.61 -3.59
C GLN A 316 0.71 -15.00 -4.82
N THR A 317 0.81 -15.78 -5.88
CA THR A 317 1.43 -15.26 -7.14
C THR A 317 0.42 -15.14 -8.23
N GLY A 318 -0.81 -15.56 -8.09
CA GLY A 318 -1.79 -15.45 -9.18
C GLY A 318 -1.99 -16.74 -9.93
N ARG A 319 -1.24 -17.77 -9.62
CA ARG A 319 -1.58 -19.11 -10.17
C ARG A 319 -2.95 -19.59 -9.68
N LEU A 320 -3.54 -20.54 -10.45
CA LEU A 320 -4.65 -21.34 -9.87
C LEU A 320 -4.15 -22.44 -8.96
N SER A 321 -5.01 -22.98 -8.14
CA SER A 321 -4.66 -24.31 -7.58
C SER A 321 -5.86 -25.25 -7.91
N SER A 322 -5.67 -26.54 -7.76
CA SER A 322 -6.73 -27.54 -8.14
C SER A 322 -6.90 -28.49 -6.97
N THR A 323 -8.16 -28.82 -6.61
CA THR A 323 -8.40 -29.63 -5.41
C THR A 323 -9.52 -30.61 -5.65
N GLU A 324 -9.45 -31.71 -4.88
CA GLU A 324 -10.60 -32.70 -4.79
C GLU A 324 -11.12 -33.20 -6.12
N PRO A 325 -10.30 -33.81 -6.95
CA PRO A 325 -8.88 -34.10 -6.69
C PRO A 325 -8.01 -32.98 -7.37
N ASN A 326 -6.75 -32.96 -6.96
CA ASN A 326 -5.79 -32.10 -7.69
C ASN A 326 -5.47 -32.72 -8.98
N LEU A 327 -5.84 -32.06 -10.12
CA LEU A 327 -5.52 -32.51 -11.38
C LEU A 327 -4.32 -31.82 -12.01
N GLN A 328 -3.60 -31.07 -11.19
CA GLN A 328 -2.39 -30.39 -11.71
C GLN A 328 -1.14 -31.01 -11.23
N ASN A 329 -1.21 -32.17 -10.61
CA ASN A 329 0.05 -32.87 -10.26
C ASN A 329 0.02 -34.35 -10.63
N ILE A 330 -0.74 -34.68 -11.68
CA ILE A 330 -0.72 -36.11 -12.18
C ILE A 330 0.69 -36.49 -12.66
N PRO A 331 1.15 -37.73 -12.32
CA PRO A 331 2.58 -38.02 -12.56
C PRO A 331 2.93 -37.95 -14.00
N ILE A 332 4.17 -37.53 -14.25
CA ILE A 332 4.77 -37.56 -15.57
C ILE A 332 6.22 -38.03 -15.61
N ARG A 333 6.95 -37.84 -14.52
CA ARG A 333 8.43 -37.88 -14.65
C ARG A 333 8.86 -39.34 -14.81
N LEU A 334 8.28 -40.20 -14.01
CA LEU A 334 8.66 -41.64 -14.02
C LEU A 334 7.59 -42.40 -14.83
N GLU A 335 8.02 -43.34 -15.65
CA GLU A 335 7.09 -44.01 -16.58
C GLU A 335 6.00 -44.77 -15.86
N GLU A 336 6.35 -45.37 -14.71
CA GLU A 336 5.40 -46.12 -13.93
C GLU A 336 4.18 -45.21 -13.61
N GLY A 337 4.47 -44.02 -13.13
CA GLY A 337 3.41 -43.09 -12.79
C GLY A 337 2.74 -42.40 -13.96
N ARG A 338 3.50 -42.01 -14.96
CA ARG A 338 2.99 -41.39 -16.11
C ARG A 338 1.86 -42.23 -16.76
N LYS A 339 1.93 -43.56 -16.65
CA LYS A 339 0.88 -44.40 -17.21
C LYS A 339 -0.49 -44.17 -16.58
N ILE A 340 -0.57 -43.56 -15.36
CA ILE A 340 -1.87 -43.08 -14.77
C ILE A 340 -2.57 -42.22 -15.81
N ARG A 341 -1.82 -41.47 -16.65
CA ARG A 341 -2.44 -40.62 -17.69
C ARG A 341 -3.25 -41.36 -18.77
N GLN A 342 -2.98 -42.68 -18.88
CA GLN A 342 -3.73 -43.52 -19.81
C GLN A 342 -5.18 -43.63 -19.37
N ALA A 343 -5.44 -43.33 -18.11
CA ALA A 343 -6.80 -43.41 -17.60
C ALA A 343 -7.60 -42.17 -17.84
N PHE A 344 -6.97 -41.15 -18.39
CA PHE A 344 -7.66 -39.89 -18.62
C PHE A 344 -8.00 -39.85 -20.04
N VAL A 345 -9.30 -40.04 -20.30
CA VAL A 345 -9.79 -40.27 -21.65
C VAL A 345 -10.82 -39.21 -22.12
N PRO A 346 -11.11 -39.14 -23.42
CA PRO A 346 -12.11 -38.19 -23.91
C PRO A 346 -13.51 -38.60 -23.47
N SER A 347 -14.41 -37.63 -23.35
CA SER A 347 -15.72 -37.88 -22.69
C SER A 347 -16.69 -38.46 -23.78
N GLU A 348 -16.32 -38.40 -25.07
CA GLU A 348 -17.21 -38.98 -26.10
C GLU A 348 -16.39 -39.90 -26.98
N SER A 349 -17.07 -40.83 -27.69
CA SER A 349 -16.39 -41.59 -28.73
C SER A 349 -15.92 -40.71 -29.88
N ASP A 350 -14.80 -41.09 -30.47
CA ASP A 350 -14.27 -40.42 -31.69
C ASP A 350 -13.79 -39.01 -31.35
N TRP A 351 -13.52 -38.84 -30.04
CA TRP A 351 -12.88 -37.61 -29.56
C TRP A 351 -11.44 -37.98 -29.15
N LEU A 352 -10.58 -36.94 -29.00
CA LEU A 352 -9.12 -37.08 -28.71
C LEU A 352 -8.82 -35.97 -27.66
N ILE A 353 -7.81 -36.26 -26.86
CA ILE A 353 -7.22 -35.24 -25.95
C ILE A 353 -6.12 -34.46 -26.72
N PHE A 354 -6.12 -33.11 -26.57
CA PHE A 354 -5.21 -32.19 -27.22
C PHE A 354 -4.53 -31.44 -26.07
N ALA A 355 -3.22 -31.54 -25.99
CA ALA A 355 -2.43 -30.86 -24.89
C ALA A 355 -1.47 -29.85 -25.51
N ALA A 356 -1.50 -28.60 -25.04
CA ALA A 356 -0.57 -27.64 -25.56
C ALA A 356 0.13 -26.99 -24.32
N ASP A 357 1.43 -26.78 -24.45
CA ASP A 357 2.25 -26.27 -23.32
C ASP A 357 3.16 -25.17 -23.78
N TYR A 358 3.26 -24.11 -22.97
CA TYR A 358 4.30 -23.15 -23.23
C TYR A 358 5.64 -23.78 -22.94
N SER A 359 6.59 -23.53 -23.83
CA SER A 359 7.95 -23.94 -23.69
C SER A 359 8.78 -22.92 -22.92
N GLN A 360 9.17 -23.30 -21.73
CA GLN A 360 10.02 -22.46 -20.83
C GLN A 360 9.48 -21.06 -20.62
N ILE A 361 8.18 -20.96 -20.27
CA ILE A 361 7.58 -19.60 -20.10
C ILE A 361 8.28 -18.79 -19.04
N GLU A 362 8.64 -19.42 -17.92
CA GLU A 362 9.23 -18.58 -16.83
C GLU A 362 10.62 -18.02 -17.23
N LEU A 363 11.39 -18.83 -18.04
CA LEU A 363 12.72 -18.34 -18.45
C LEU A 363 12.53 -17.24 -19.51
N ARG A 364 11.50 -17.37 -20.35
CA ARG A 364 11.18 -16.30 -21.38
C ARG A 364 10.74 -15.01 -20.65
N VAL A 365 9.91 -15.16 -19.60
CA VAL A 365 9.46 -14.04 -18.83
C VAL A 365 10.61 -13.41 -18.12
N LEU A 366 11.55 -14.21 -17.59
CA LEU A 366 12.73 -13.66 -16.92
C LEU A 366 13.48 -12.83 -17.98
N ALA A 367 13.69 -13.40 -19.16
CA ALA A 367 14.45 -12.62 -20.23
C ALA A 367 13.77 -11.27 -20.51
N HIS A 368 12.46 -11.25 -20.62
CA HIS A 368 11.63 -10.00 -20.88
C HIS A 368 11.84 -9.04 -19.73
N ILE A 369 11.61 -9.50 -18.48
CA ILE A 369 11.59 -8.52 -17.41
C ILE A 369 13.00 -8.05 -17.04
N ALA A 370 14.01 -8.90 -17.23
CA ALA A 370 15.37 -8.54 -17.00
C ALA A 370 16.05 -7.71 -18.11
N GLU A 371 15.41 -7.74 -19.29
CA GLU A 371 15.97 -7.03 -20.48
C GLU A 371 17.40 -7.41 -20.67
N ASP A 372 17.75 -8.71 -20.49
CA ASP A 372 19.12 -9.12 -20.52
C ASP A 372 19.42 -9.48 -21.96
N ASP A 373 20.39 -8.78 -22.58
CA ASP A 373 20.56 -8.94 -24.02
C ASP A 373 20.92 -10.41 -24.48
N ASN A 374 21.75 -11.05 -23.69
CA ASN A 374 22.25 -12.42 -23.98
C ASN A 374 21.10 -13.42 -23.88
N LEU A 375 20.35 -13.32 -22.77
CA LEU A 375 19.19 -14.14 -22.65
C LEU A 375 18.11 -13.93 -23.72
N MET A 376 17.71 -12.66 -23.99
CA MET A 376 16.67 -12.41 -24.98
C MET A 376 17.14 -12.88 -26.37
N GLU A 377 18.42 -12.73 -26.65
CA GLU A 377 18.85 -13.20 -27.97
C GLU A 377 18.74 -14.70 -28.18
N ALA A 378 19.05 -15.47 -27.13
CA ALA A 378 18.84 -16.88 -27.17
C ALA A 378 17.45 -17.26 -27.45
N PHE A 379 16.44 -16.57 -26.83
CA PHE A 379 15.12 -16.88 -27.19
C PHE A 379 14.68 -16.29 -28.54
N ARG A 380 15.18 -15.11 -28.89
CA ARG A 380 14.69 -14.54 -30.14
C ARG A 380 15.14 -15.43 -31.34
N ARG A 381 16.25 -16.14 -31.17
CA ARG A 381 16.86 -17.01 -32.21
C ARG A 381 16.47 -18.49 -31.99
N ASP A 382 15.64 -18.73 -30.96
CA ASP A 382 15.23 -20.09 -30.51
C ASP A 382 16.42 -21.11 -30.37
N LEU A 383 17.45 -20.65 -29.66
CA LEU A 383 18.60 -21.43 -29.28
C LEU A 383 18.30 -22.15 -27.96
N ASP A 384 18.81 -23.37 -27.77
CA ASP A 384 18.52 -24.22 -26.61
C ASP A 384 19.17 -23.51 -25.39
N ILE A 385 18.33 -23.01 -24.47
CA ILE A 385 18.87 -22.21 -23.40
C ILE A 385 19.70 -23.04 -22.40
N HIS A 386 19.36 -24.33 -22.21
CA HIS A 386 20.17 -25.12 -21.31
C HIS A 386 21.61 -25.36 -21.86
N THR A 387 21.67 -25.66 -23.16
CA THR A 387 22.95 -25.80 -23.78
C THR A 387 23.74 -24.49 -23.74
N LYS A 388 23.05 -23.36 -24.01
CA LYS A 388 23.68 -22.08 -23.94
C LYS A 388 24.27 -21.78 -22.54
N THR A 389 23.48 -22.04 -21.50
CA THR A 389 24.01 -21.87 -20.17
C THR A 389 25.19 -22.78 -19.84
N ALA A 390 25.11 -24.02 -20.31
CA ALA A 390 26.22 -24.94 -20.08
C ALA A 390 27.52 -24.44 -20.71
N MET A 391 27.42 -23.94 -21.94
CA MET A 391 28.58 -23.44 -22.63
C MET A 391 29.21 -22.30 -21.84
N ASP A 392 28.37 -21.51 -21.15
CA ASP A 392 28.83 -20.47 -20.20
C ASP A 392 29.32 -20.91 -18.78
N ILE A 393 28.64 -21.82 -18.10
CA ILE A 393 29.04 -22.24 -16.77
C ILE A 393 30.22 -23.23 -16.82
N PHE A 394 30.38 -23.94 -17.95
CA PHE A 394 31.55 -24.84 -18.03
C PHE A 394 32.59 -24.32 -18.94
N GLN A 395 32.22 -23.30 -19.70
CA GLN A 395 33.07 -22.68 -20.69
C GLN A 395 33.63 -23.72 -21.71
N VAL A 396 32.81 -24.02 -22.72
CA VAL A 396 33.07 -25.03 -23.75
C VAL A 396 32.30 -24.70 -24.99
N SER A 397 32.72 -25.21 -26.14
CA SER A 397 31.95 -25.03 -27.37
C SER A 397 30.68 -25.92 -27.30
N GLU A 398 29.74 -25.61 -28.17
CA GLU A 398 28.50 -26.37 -28.25
C GLU A 398 28.68 -27.88 -28.33
N ASP A 399 29.61 -28.33 -29.18
CA ASP A 399 29.90 -29.76 -29.28
C ASP A 399 30.49 -30.42 -28.00
N GLU A 400 31.13 -29.63 -27.16
CA GLU A 400 31.71 -30.13 -25.93
C GLU A 400 30.74 -30.28 -24.75
N VAL A 401 29.50 -29.83 -24.96
CA VAL A 401 28.52 -29.93 -23.88
C VAL A 401 28.05 -31.37 -23.73
N THR A 402 28.33 -31.96 -22.57
CA THR A 402 27.82 -33.28 -22.30
C THR A 402 26.40 -33.30 -21.80
N PRO A 403 25.73 -34.44 -21.96
CA PRO A 403 24.44 -34.68 -21.40
C PRO A 403 24.35 -34.23 -19.93
N ASN A 404 25.46 -34.45 -19.20
CA ASN A 404 25.55 -34.18 -17.75
C ASN A 404 25.72 -32.69 -17.52
N MET A 405 26.58 -32.05 -18.31
CA MET A 405 26.70 -30.60 -18.28
C MET A 405 25.32 -29.93 -18.51
N ARG A 406 24.52 -30.40 -19.47
CA ARG A 406 23.25 -29.77 -19.74
C ARG A 406 22.35 -29.90 -18.54
N ARG A 407 22.37 -31.07 -17.87
CA ARG A 407 21.58 -31.30 -16.65
C ARG A 407 21.90 -30.28 -15.56
N GLN A 408 23.19 -30.06 -15.38
CA GLN A 408 23.66 -29.15 -14.36
C GLN A 408 23.21 -27.73 -14.74
N ALA A 409 23.44 -27.37 -16.01
CA ALA A 409 23.07 -25.98 -16.46
C ALA A 409 21.53 -25.79 -16.38
N LYS A 410 20.70 -26.81 -16.60
CA LYS A 410 19.28 -26.67 -16.45
C LYS A 410 18.91 -26.38 -15.00
N ALA A 411 19.67 -27.03 -14.06
CA ALA A 411 19.40 -26.84 -12.69
C ALA A 411 19.77 -25.42 -12.31
N VAL A 412 20.86 -24.93 -12.85
CA VAL A 412 21.18 -23.55 -12.64
C VAL A 412 20.09 -22.58 -13.21
N ASN A 413 19.67 -22.84 -14.45
CA ASN A 413 18.66 -21.98 -15.10
C ASN A 413 17.30 -21.86 -14.37
N TYR A 414 16.80 -22.99 -13.86
CA TYR A 414 15.57 -22.88 -13.06
C TYR A 414 15.94 -22.45 -11.66
N GLY A 415 17.10 -22.81 -11.12
CA GLY A 415 17.43 -22.34 -9.79
C GLY A 415 17.47 -20.83 -9.64
N ILE A 416 18.02 -20.16 -10.65
CA ILE A 416 18.07 -18.70 -10.66
C ILE A 416 16.68 -18.06 -10.55
N VAL A 417 15.72 -18.63 -11.25
CA VAL A 417 14.29 -18.20 -11.19
C VAL A 417 13.71 -18.33 -9.82
N TYR A 418 14.24 -19.25 -9.01
CA TYR A 418 13.76 -19.40 -7.61
C TYR A 418 14.65 -18.82 -6.57
N GLY A 419 15.69 -18.08 -6.95
CA GLY A 419 16.59 -17.54 -5.93
C GLY A 419 17.50 -18.56 -5.25
N ILE A 420 17.93 -19.58 -5.97
CA ILE A 420 18.81 -20.59 -5.39
C ILE A 420 20.16 -19.99 -4.89
N SER A 421 20.60 -20.53 -3.78
CA SER A 421 21.91 -20.18 -3.18
C SER A 421 22.91 -21.22 -3.70
N ASP A 422 24.19 -20.95 -3.48
CA ASP A 422 25.21 -22.01 -3.75
C ASP A 422 25.03 -23.28 -2.93
N TYR A 423 24.63 -23.14 -1.67
CA TYR A 423 24.27 -24.29 -0.87
C TYR A 423 23.18 -25.13 -1.56
N GLY A 424 22.06 -24.49 -1.94
CA GLY A 424 21.00 -25.24 -2.58
C GLY A 424 21.40 -25.88 -3.85
N LEU A 425 22.20 -25.17 -4.66
CA LEU A 425 22.62 -25.73 -5.94
C LEU A 425 23.53 -26.95 -5.73
N ALA A 426 24.40 -26.82 -4.72
CA ALA A 426 25.31 -27.95 -4.35
C ALA A 426 24.56 -29.16 -3.89
N GLN A 427 23.51 -28.98 -3.06
CA GLN A 427 22.65 -30.09 -2.61
C GLN A 427 21.87 -30.71 -3.74
N ASN A 428 21.31 -29.87 -4.62
CA ASN A 428 20.54 -30.36 -5.76
C ASN A 428 21.40 -31.16 -6.68
N LEU A 429 22.61 -30.67 -6.94
CA LEU A 429 23.45 -31.33 -7.89
C LEU A 429 24.39 -32.39 -7.32
N ASN A 430 24.42 -32.42 -6.01
CA ASN A 430 25.40 -33.25 -5.24
C ASN A 430 26.83 -32.98 -5.73
N ILE A 431 27.21 -31.71 -5.79
CA ILE A 431 28.56 -31.26 -6.16
C ILE A 431 29.16 -30.33 -5.11
N SER A 432 30.46 -30.08 -5.17
CA SER A 432 31.20 -29.22 -4.23
C SER A 432 30.51 -27.81 -4.14
N ARG A 433 30.35 -27.30 -2.93
CA ARG A 433 29.73 -25.93 -2.80
C ARG A 433 30.59 -24.85 -3.46
N LYS A 434 31.88 -25.07 -3.47
CA LYS A 434 32.78 -24.19 -4.20
C LYS A 434 32.48 -24.12 -5.67
N GLU A 435 32.25 -25.29 -6.24
CA GLU A 435 31.92 -25.37 -7.65
C GLU A 435 30.55 -24.72 -7.93
N ALA A 436 29.58 -25.06 -7.10
CA ALA A 436 28.22 -24.46 -7.24
C ALA A 436 28.30 -22.93 -7.24
N ALA A 437 29.09 -22.39 -6.32
CA ALA A 437 29.22 -20.95 -6.25
C ALA A 437 29.81 -20.40 -7.50
N GLU A 438 30.84 -21.06 -8.01
CA GLU A 438 31.36 -20.64 -9.35
C GLU A 438 30.35 -20.68 -10.45
N PHE A 439 29.47 -21.69 -10.51
CA PHE A 439 28.47 -21.77 -11.55
C PHE A 439 27.56 -20.51 -11.50
N ILE A 440 27.13 -20.14 -10.29
CA ILE A 440 26.26 -19.01 -10.13
C ILE A 440 26.96 -17.73 -10.51
N GLU A 441 28.19 -17.60 -10.02
CA GLU A 441 28.96 -16.41 -10.43
C GLU A 441 29.09 -16.31 -11.98
N ARG A 442 29.45 -17.44 -12.63
CA ARG A 442 29.50 -17.46 -14.10
C ARG A 442 28.21 -17.18 -14.82
N TYR A 443 27.08 -17.65 -14.28
CA TYR A 443 25.82 -17.27 -14.82
C TYR A 443 25.58 -15.74 -14.81
N PHE A 444 25.80 -15.12 -13.65
CA PHE A 444 25.51 -13.65 -13.52
C PHE A 444 26.49 -12.86 -14.39
N GLU A 445 27.71 -13.38 -14.55
CA GLU A 445 28.64 -12.73 -15.53
C GLU A 445 28.18 -12.86 -17.00
N SER A 446 27.58 -14.01 -17.33
CA SER A 446 26.99 -14.23 -18.65
CA SER A 446 27.00 -14.24 -18.64
C SER A 446 25.69 -13.49 -18.91
N PHE A 447 24.86 -13.33 -17.85
CA PHE A 447 23.56 -12.73 -17.95
C PHE A 447 23.45 -11.55 -16.96
N PRO A 448 24.21 -10.47 -17.20
CA PRO A 448 24.29 -9.48 -16.19
C PRO A 448 22.98 -8.71 -16.02
N GLY A 449 22.05 -8.69 -17.00
CA GLY A 449 20.78 -7.98 -16.81
C GLY A 449 19.91 -8.73 -15.80
N VAL A 450 20.13 -10.04 -15.69
CA VAL A 450 19.42 -10.83 -14.66
C VAL A 450 19.91 -10.37 -13.26
N LYS A 451 21.23 -10.22 -13.02
CA LYS A 451 21.74 -9.74 -11.82
C LYS A 451 21.19 -8.31 -11.49
N ARG A 452 21.13 -7.44 -12.47
CA ARG A 452 20.68 -6.04 -12.29
C ARG A 452 19.22 -6.10 -11.90
N TYR A 453 18.48 -6.99 -12.53
CA TYR A 453 17.02 -7.10 -12.24
C TYR A 453 16.83 -7.53 -10.79
N MET A 454 17.60 -8.51 -10.36
CA MET A 454 17.47 -8.97 -8.95
CA MET A 454 17.52 -8.96 -8.93
C MET A 454 17.76 -7.82 -7.95
N GLU A 455 18.77 -6.99 -8.22
CA GLU A 455 19.04 -5.90 -7.34
C GLU A 455 17.91 -4.86 -7.46
N ASN A 456 17.47 -4.56 -8.68
CA ASN A 456 16.53 -3.50 -8.88
C ASN A 456 15.15 -3.92 -8.24
N ILE A 457 14.73 -5.17 -8.42
CA ILE A 457 13.37 -5.56 -7.91
C ILE A 457 13.36 -5.57 -6.38
N VAL A 458 14.47 -5.94 -5.76
CA VAL A 458 14.50 -5.89 -4.29
C VAL A 458 14.38 -4.45 -3.83
N GLN A 459 15.14 -3.59 -4.46
CA GLN A 459 15.01 -2.14 -4.18
C GLN A 459 13.61 -1.59 -4.40
N GLU A 460 12.98 -1.98 -5.47
CA GLU A 460 11.59 -1.54 -5.78
C GLU A 460 10.67 -2.05 -4.63
N ALA A 461 10.81 -3.32 -4.22
CA ALA A 461 9.98 -3.84 -3.14
C ALA A 461 10.17 -3.04 -1.85
N LYS A 462 11.41 -2.66 -1.54
CA LYS A 462 11.70 -1.88 -0.32
C LYS A 462 11.01 -0.54 -0.45
N GLN A 463 11.11 0.12 -1.60
CA GLN A 463 10.58 1.51 -1.76
C GLN A 463 9.08 1.54 -1.82
N LYS A 464 8.48 0.54 -2.54
CA LYS A 464 7.03 0.57 -2.72
C LYS A 464 6.27 -0.33 -1.77
N GLY A 465 6.89 -1.37 -1.27
CA GLY A 465 6.20 -2.27 -0.29
C GLY A 465 5.64 -3.49 -0.99
N TYR A 466 5.78 -3.57 -2.31
CA TYR A 466 5.15 -4.70 -3.07
C TYR A 466 5.83 -4.78 -4.40
N VAL A 467 5.63 -5.93 -5.04
CA VAL A 467 6.12 -6.10 -6.46
C VAL A 467 4.89 -6.40 -7.31
N THR A 468 5.05 -6.29 -8.64
CA THR A 468 3.85 -6.41 -9.52
C THR A 468 4.22 -7.36 -10.67
N THR A 469 3.17 -7.84 -11.34
CA THR A 469 3.32 -8.65 -12.55
C THR A 469 2.92 -7.90 -13.77
N LEU A 470 3.08 -8.55 -14.96
CA LEU A 470 2.81 -7.90 -16.25
CA LEU A 470 2.78 -7.94 -16.28
C LEU A 470 1.42 -7.29 -16.34
N LEU A 471 0.40 -7.98 -15.82
CA LEU A 471 -0.94 -7.45 -15.86
C LEU A 471 -1.41 -6.79 -14.53
N HIS A 472 -0.42 -6.43 -13.70
CA HIS A 472 -0.58 -5.53 -12.53
C HIS A 472 -1.14 -6.24 -11.33
N ARG A 473 -0.96 -7.58 -11.29
CA ARG A 473 -1.21 -8.24 -10.00
C ARG A 473 -0.10 -7.77 -9.05
N ARG A 474 -0.40 -7.75 -7.74
CA ARG A 474 0.58 -7.28 -6.74
C ARG A 474 0.77 -8.29 -5.64
N ARG A 475 1.94 -8.31 -5.02
CA ARG A 475 2.20 -9.08 -3.83
C ARG A 475 2.97 -8.14 -2.88
N TYR A 476 2.42 -7.95 -1.68
CA TYR A 476 3.11 -7.15 -0.66
C TYR A 476 4.18 -7.92 0.04
N LEU A 477 5.35 -7.28 0.30
CA LEU A 477 6.50 -7.95 0.87
C LEU A 477 7.06 -7.11 2.03
N PRO A 478 6.31 -7.03 3.10
CA PRO A 478 6.77 -6.19 4.27
C PRO A 478 8.06 -6.78 4.88
N ASP A 479 8.34 -8.07 4.79
CA ASP A 479 9.62 -8.57 5.35
C ASP A 479 10.90 -8.25 4.65
N ILE A 480 10.80 -7.53 3.53
CA ILE A 480 11.95 -7.20 2.71
C ILE A 480 12.94 -6.36 3.55
N THR A 481 12.45 -5.78 4.63
CA THR A 481 13.28 -4.91 5.47
C THR A 481 13.69 -5.56 6.81
N SER A 482 13.42 -6.85 6.99
CA SER A 482 13.65 -7.55 8.28
C SER A 482 15.12 -7.63 8.63
N ARG A 483 15.39 -7.53 9.93
CA ARG A 483 16.72 -7.72 10.46
C ARG A 483 17.12 -9.15 10.47
N ASN A 484 16.15 -10.06 10.51
CA ASN A 484 16.45 -11.47 10.45
C ASN A 484 16.85 -11.89 9.02
N PHE A 485 18.05 -12.46 8.91
CA PHE A 485 18.63 -12.82 7.63
C PHE A 485 17.71 -13.78 6.90
N ASN A 486 17.18 -14.77 7.61
CA ASN A 486 16.39 -15.81 6.99
C ASN A 486 15.08 -15.20 6.51
N VAL A 487 14.47 -14.34 7.33
CA VAL A 487 13.19 -13.69 6.93
C VAL A 487 13.38 -12.76 5.74
N ARG A 488 14.39 -11.89 5.80
CA ARG A 488 14.72 -10.97 4.71
CA ARG A 488 14.61 -10.97 4.69
C ARG A 488 15.08 -11.69 3.44
N SER A 489 15.89 -12.77 3.56
CA SER A 489 16.33 -13.44 2.36
C SER A 489 15.13 -14.11 1.66
N PHE A 490 14.22 -14.69 2.42
CA PHE A 490 13.05 -15.33 1.77
C PHE A 490 12.24 -14.22 1.08
N ALA A 491 12.05 -13.06 1.72
CA ALA A 491 11.31 -11.98 1.04
C ALA A 491 12.00 -11.51 -0.25
N GLU A 492 13.36 -11.45 -0.25
CA GLU A 492 14.03 -11.06 -1.47
C GLU A 492 13.85 -12.09 -2.58
N ARG A 493 13.83 -13.39 -2.23
CA ARG A 493 13.59 -14.39 -3.26
C ARG A 493 12.13 -14.22 -3.76
N MET A 494 11.20 -13.90 -2.87
CA MET A 494 9.76 -13.62 -3.39
C MET A 494 9.79 -12.46 -4.35
N ALA A 495 10.56 -11.40 -4.01
CA ALA A 495 10.56 -10.22 -4.86
C ALA A 495 11.07 -10.57 -6.29
N MET A 496 12.09 -11.39 -6.36
CA MET A 496 12.68 -11.81 -7.62
CA MET A 496 12.52 -11.63 -7.77
C MET A 496 11.66 -12.73 -8.40
N ASN A 497 11.07 -13.69 -7.64
CA ASN A 497 10.31 -14.78 -8.29
C ASN A 497 8.88 -14.37 -8.63
N THR A 498 8.23 -13.65 -7.73
CA THR A 498 6.78 -13.45 -7.96
C THR A 498 6.48 -12.72 -9.25
N PRO A 499 7.27 -11.71 -9.71
CA PRO A 499 6.92 -11.11 -11.00
C PRO A 499 7.06 -12.11 -12.12
N ILE A 500 7.95 -13.09 -12.00
CA ILE A 500 8.17 -14.16 -13.04
CA ILE A 500 8.08 -14.10 -13.07
C ILE A 500 6.95 -15.10 -13.04
N GLN A 501 6.77 -15.76 -11.93
CA GLN A 501 5.72 -16.77 -11.79
C GLN A 501 4.34 -16.12 -12.03
N GLY A 502 4.12 -14.93 -11.46
CA GLY A 502 2.87 -14.29 -11.66
C GLY A 502 2.60 -13.76 -13.04
N SER A 503 3.63 -13.25 -13.70
CA SER A 503 3.39 -12.80 -15.04
C SER A 503 3.13 -14.02 -15.94
N ALA A 504 3.80 -15.13 -15.70
CA ALA A 504 3.47 -16.37 -16.49
C ALA A 504 2.06 -16.78 -16.23
N ALA A 505 1.53 -16.59 -14.99
CA ALA A 505 0.14 -16.96 -14.71
C ALA A 505 -0.82 -16.01 -15.45
N ASP A 506 -0.51 -14.71 -15.48
CA ASP A 506 -1.38 -13.72 -16.17
C ASP A 506 -1.46 -14.11 -17.68
N ILE A 507 -0.34 -14.55 -18.24
CA ILE A 507 -0.26 -14.85 -19.73
C ILE A 507 -1.15 -16.04 -20.02
N ILE A 508 -1.09 -17.12 -19.23
CA ILE A 508 -1.95 -18.26 -19.61
C ILE A 508 -3.41 -18.02 -19.29
N LYS A 509 -3.75 -17.24 -18.23
CA LYS A 509 -5.11 -16.88 -18.02
C LYS A 509 -5.67 -16.08 -19.22
N LYS A 510 -4.89 -15.12 -19.71
CA LYS A 510 -5.37 -14.29 -20.89
C LYS A 510 -5.53 -15.29 -22.07
N ALA A 511 -4.59 -16.18 -22.20
CA ALA A 511 -4.75 -17.21 -23.31
C ALA A 511 -6.01 -17.99 -23.20
N MET A 512 -6.41 -18.38 -22.03
CA MET A 512 -7.63 -19.12 -21.87
C MET A 512 -8.83 -18.38 -22.29
N ILE A 513 -8.91 -17.09 -21.93
CA ILE A 513 -10.02 -16.27 -22.35
C ILE A 513 -10.04 -16.10 -23.86
N ASP A 514 -8.90 -15.84 -24.47
CA ASP A 514 -8.77 -15.63 -25.96
C ASP A 514 -9.11 -16.97 -26.64
N LEU A 515 -8.72 -18.09 -26.06
CA LEU A 515 -9.01 -19.42 -26.70
C LEU A 515 -10.48 -19.73 -26.64
N ASN A 516 -11.11 -19.54 -25.50
CA ASN A 516 -12.52 -19.82 -25.39
CA ASN A 516 -12.54 -19.80 -25.43
C ASN A 516 -13.31 -18.94 -26.42
N ALA A 517 -12.85 -17.71 -26.63
CA ALA A 517 -13.54 -16.80 -27.58
C ALA A 517 -13.47 -17.41 -28.96
N ARG A 518 -12.30 -17.88 -29.33
CA ARG A 518 -12.05 -18.43 -30.72
C ARG A 518 -12.77 -19.77 -30.94
N LEU A 519 -12.89 -20.59 -29.89
CA LEU A 519 -13.55 -21.86 -30.07
C LEU A 519 -15.05 -21.59 -30.33
N LYS A 520 -15.62 -20.64 -29.60
CA LYS A 520 -17.04 -20.21 -29.71
C LYS A 520 -17.32 -19.55 -31.06
N GLU A 521 -16.38 -18.70 -31.49
CA GLU A 521 -16.45 -18.04 -32.82
C GLU A 521 -16.62 -19.10 -33.92
N GLU A 522 -15.85 -20.18 -33.84
CA GLU A 522 -15.81 -21.14 -34.95
C GLU A 522 -16.80 -22.28 -34.78
N ARG A 523 -17.55 -22.22 -33.67
CA ARG A 523 -18.57 -23.20 -33.34
C ARG A 523 -17.95 -24.61 -33.25
N LEU A 524 -16.78 -24.72 -32.60
CA LEU A 524 -16.12 -26.00 -32.40
C LEU A 524 -16.69 -26.65 -31.19
N GLN A 525 -16.73 -27.98 -31.22
CA GLN A 525 -17.13 -28.69 -30.04
C GLN A 525 -15.94 -28.77 -29.04
N ALA A 526 -14.71 -28.54 -29.48
CA ALA A 526 -13.52 -28.61 -28.58
C ALA A 526 -13.78 -27.73 -27.37
N HIS A 527 -13.35 -28.21 -26.20
CA HIS A 527 -13.43 -27.29 -25.08
C HIS A 527 -12.30 -27.71 -24.12
N LEU A 528 -12.03 -26.75 -23.24
CA LEU A 528 -11.05 -26.92 -22.17
C LEU A 528 -11.44 -27.85 -21.14
N LEU A 529 -10.48 -28.72 -20.75
CA LEU A 529 -10.66 -29.58 -19.59
C LEU A 529 -9.86 -29.06 -18.38
N LEU A 530 -8.58 -28.78 -18.65
CA LEU A 530 -7.68 -28.61 -17.48
C LEU A 530 -6.69 -27.52 -17.89
N GLN A 531 -6.28 -26.73 -16.89
CA GLN A 531 -5.07 -25.91 -16.95
C GLN A 531 -4.04 -26.42 -15.92
N VAL A 532 -2.75 -26.58 -16.33
CA VAL A 532 -1.67 -27.11 -15.43
C VAL A 532 -0.53 -26.11 -15.47
N HIS A 533 -0.87 -24.86 -15.06
CA HIS A 533 0.13 -23.76 -14.88
C HIS A 533 0.71 -23.15 -16.11
N ASP A 534 1.26 -23.99 -17.01
CA ASP A 534 1.79 -23.49 -18.26
C ASP A 534 1.25 -24.34 -19.40
N GLU A 535 0.25 -25.15 -19.13
CA GLU A 535 -0.29 -26.07 -20.18
C GLU A 535 -1.78 -25.96 -20.15
N LEU A 536 -2.43 -26.23 -21.33
CA LEU A 536 -3.85 -26.30 -21.41
C LEU A 536 -4.20 -27.65 -22.04
N ILE A 537 -5.21 -28.31 -21.51
CA ILE A 537 -5.56 -29.68 -22.02
C ILE A 537 -7.05 -29.50 -22.46
N LEU A 538 -7.36 -29.99 -23.67
CA LEU A 538 -8.68 -29.90 -24.23
C LEU A 538 -9.10 -31.28 -24.70
N GLU A 539 -10.40 -31.35 -25.03
CA GLU A 539 -10.86 -32.60 -25.80
C GLU A 539 -11.70 -32.10 -26.93
N ALA A 540 -11.74 -32.88 -28.01
CA ALA A 540 -12.49 -32.39 -29.21
C ALA A 540 -12.71 -33.61 -30.10
N PRO A 541 -13.77 -33.57 -30.90
CA PRO A 541 -13.90 -34.56 -32.00
C PRO A 541 -12.58 -34.72 -32.80
N LYS A 542 -12.22 -35.93 -33.27
CA LYS A 542 -10.97 -36.16 -34.03
C LYS A 542 -10.84 -35.28 -35.24
N GLU A 543 -11.99 -34.90 -35.80
CA GLU A 543 -12.05 -34.10 -37.03
C GLU A 543 -11.59 -32.67 -36.78
N GLU A 544 -11.70 -32.22 -35.52
CA GLU A 544 -11.26 -30.86 -35.13
C GLU A 544 -9.75 -30.73 -34.89
N MET A 545 -9.05 -31.87 -34.80
CA MET A 545 -7.58 -31.87 -34.61
C MET A 545 -6.79 -30.91 -35.46
N GLU A 546 -7.04 -30.88 -36.77
CA GLU A 546 -6.18 -30.07 -37.67
C GLU A 546 -6.41 -28.61 -37.40
N ARG A 547 -7.66 -28.25 -37.09
CA ARG A 547 -7.97 -26.85 -36.76
C ARG A 547 -7.26 -26.46 -35.44
N LEU A 548 -7.32 -27.35 -34.46
CA LEU A 548 -6.75 -27.04 -33.12
C LEU A 548 -5.26 -26.93 -33.21
N CYS A 549 -4.58 -27.74 -34.07
CA CYS A 549 -3.13 -27.66 -34.31
C CYS A 549 -2.66 -26.29 -34.77
N ARG A 550 -3.54 -25.57 -35.45
CA ARG A 550 -3.20 -24.20 -35.84
C ARG A 550 -3.68 -23.19 -34.77
N LEU A 551 -4.95 -23.29 -34.35
CA LEU A 551 -5.65 -22.29 -33.53
C LEU A 551 -5.05 -22.22 -32.09
N VAL A 552 -4.95 -23.38 -31.45
CA VAL A 552 -4.47 -23.38 -30.04
C VAL A 552 -3.10 -22.78 -29.83
N PRO A 553 -2.06 -23.27 -30.49
CA PRO A 553 -0.73 -22.60 -30.32
C PRO A 553 -0.72 -21.13 -30.71
N GLU A 554 -1.49 -20.73 -31.72
CA GLU A 554 -1.38 -19.35 -32.13
C GLU A 554 -2.04 -18.42 -31.08
N VAL A 555 -3.16 -18.81 -30.50
CA VAL A 555 -3.83 -18.01 -29.48
C VAL A 555 -2.90 -17.95 -28.29
N MET A 556 -2.33 -19.08 -27.89
CA MET A 556 -1.45 -19.08 -26.73
C MET A 556 -0.23 -18.17 -26.93
N GLU A 557 0.32 -18.27 -28.14
CA GLU A 557 1.52 -17.50 -28.42
C GLU A 557 1.27 -16.00 -28.57
N GLN A 558 0.08 -15.64 -28.97
CA GLN A 558 -0.28 -14.26 -29.25
CA GLN A 558 -0.16 -14.21 -29.18
C GLN A 558 -0.91 -13.58 -28.03
N ALA A 559 -1.08 -14.34 -26.93
CA ALA A 559 -1.88 -13.78 -25.81
C ALA A 559 -1.31 -12.45 -25.36
N VAL A 560 0.00 -12.35 -25.31
CA VAL A 560 0.68 -11.09 -25.00
C VAL A 560 1.84 -10.98 -25.93
N THR A 561 2.38 -9.78 -25.95
CA THR A 561 3.57 -9.50 -26.74
C THR A 561 4.72 -9.09 -25.78
N LEU A 562 5.77 -9.90 -25.72
CA LEU A 562 6.93 -9.62 -24.84
C LEU A 562 8.12 -9.23 -25.71
N ARG A 563 9.23 -8.86 -25.08
CA ARG A 563 10.54 -8.61 -25.71
C ARG A 563 11.18 -9.92 -26.33
N VAL A 564 10.56 -11.08 -26.07
CA VAL A 564 10.92 -12.36 -26.73
C VAL A 564 9.70 -13.07 -27.15
N PRO A 565 9.82 -14.04 -28.08
CA PRO A 565 8.65 -14.76 -28.49
C PRO A 565 8.20 -15.67 -27.39
N LEU A 566 6.91 -15.97 -27.45
CA LEU A 566 6.40 -17.14 -26.75
C LEU A 566 6.38 -18.34 -27.70
N LYS A 567 6.60 -19.54 -27.19
CA LYS A 567 6.63 -20.76 -28.02
C LYS A 567 5.74 -21.81 -27.36
N VAL A 568 4.85 -22.44 -28.15
CA VAL A 568 3.92 -23.38 -27.63
C VAL A 568 4.20 -24.70 -28.36
N ASP A 569 4.25 -25.80 -27.65
CA ASP A 569 4.31 -27.20 -28.21
C ASP A 569 3.02 -27.87 -27.98
N TYR A 570 2.59 -28.80 -28.86
CA TYR A 570 1.22 -29.31 -28.71
C TYR A 570 1.25 -30.75 -29.25
N HIS A 571 0.34 -31.54 -28.71
CA HIS A 571 0.31 -33.00 -29.00
C HIS A 571 -1.11 -33.46 -28.85
N TYR A 572 -1.54 -34.49 -29.60
CA TYR A 572 -2.88 -35.01 -29.30
C TYR A 572 -2.85 -36.54 -29.40
N GLY A 573 -3.84 -37.20 -28.80
CA GLY A 573 -3.96 -38.65 -28.95
C GLY A 573 -5.15 -39.12 -28.17
N SER A 574 -5.25 -40.44 -28.02
CA SER A 574 -6.51 -41.02 -27.54
C SER A 574 -6.71 -40.95 -26.10
N THR A 575 -5.62 -40.72 -25.37
CA THR A 575 -5.64 -40.56 -23.87
C THR A 575 -4.70 -39.39 -23.56
N TRP A 576 -4.76 -38.91 -22.33
CA TRP A 576 -3.80 -37.86 -21.98
C TRP A 576 -2.35 -38.38 -22.09
N TYR A 577 -2.13 -39.62 -21.72
CA TYR A 577 -0.81 -40.20 -21.87
C TYR A 577 -0.35 -40.08 -23.33
N ASP A 578 -1.22 -40.36 -24.29
CA ASP A 578 -0.83 -40.34 -25.70
C ASP A 578 -0.65 -38.97 -26.28
N ALA A 579 -1.14 -37.94 -25.58
CA ALA A 579 -0.98 -36.59 -26.07
C ALA A 579 0.42 -36.10 -25.65
N LYS A 580 1.47 -36.79 -26.14
CA LYS A 580 2.94 -36.47 -25.96
C LYS A 580 3.69 -36.48 -27.30
N LYS B 1 -17.04 31.27 -25.09
CA LYS B 1 -18.46 30.92 -25.14
C LYS B 1 -19.10 31.00 -23.74
N LYS B 2 -20.35 30.55 -23.67
CA LYS B 2 -21.07 30.42 -22.40
C LYS B 2 -21.07 28.97 -22.04
N MET B 3 -21.10 28.69 -20.76
CA MET B 3 -21.29 27.35 -20.31
C MET B 3 -22.73 27.25 -19.85
N ALA B 4 -23.44 26.23 -20.33
CA ALA B 4 -24.87 26.04 -19.95
C ALA B 4 -25.01 25.54 -18.51
N PHE B 5 -25.97 26.07 -17.77
CA PHE B 5 -26.27 25.49 -16.46
C PHE B 5 -27.67 26.00 -16.09
N THR B 6 -28.28 25.32 -15.11
CA THR B 6 -29.61 25.62 -14.53
C THR B 6 -29.39 26.42 -13.30
N LEU B 7 -30.01 27.55 -13.25
CA LEU B 7 -29.92 28.39 -12.09
C LEU B 7 -31.13 27.98 -11.29
N ALA B 8 -30.95 27.16 -10.26
CA ALA B 8 -32.03 26.34 -9.75
C ALA B 8 -32.70 27.05 -8.60
N ASP B 9 -34.02 26.82 -8.51
CA ASP B 9 -34.93 27.48 -7.55
C ASP B 9 -35.24 26.60 -6.35
N ARG B 10 -35.09 25.31 -6.57
CA ARG B 10 -35.38 24.23 -5.66
C ARG B 10 -34.35 23.16 -6.04
N VAL B 11 -34.03 22.30 -5.09
CA VAL B 11 -33.17 21.19 -5.28
C VAL B 11 -34.11 20.13 -5.91
N THR B 12 -33.61 19.39 -6.87
CA THR B 12 -34.32 18.34 -7.57
C THR B 12 -33.46 17.10 -7.47
N GLU B 13 -34.05 15.93 -7.63
CA GLU B 13 -33.36 14.67 -7.57
C GLU B 13 -32.13 14.53 -8.47
N GLU B 14 -32.20 15.14 -9.64
CA GLU B 14 -31.10 14.95 -10.57
C GLU B 14 -29.84 15.71 -10.05
N MET B 15 -30.03 16.60 -9.06
CA MET B 15 -28.89 17.29 -8.44
C MET B 15 -28.27 16.42 -7.38
N LEU B 16 -28.92 15.30 -7.03
CA LEU B 16 -28.42 14.41 -5.97
C LEU B 16 -27.94 13.08 -6.41
N ALA B 17 -27.13 13.04 -7.47
CA ALA B 17 -26.56 11.81 -7.95
C ALA B 17 -25.44 11.29 -7.12
N ASP B 18 -24.98 10.08 -7.36
CA ASP B 18 -24.04 9.45 -6.46
C ASP B 18 -22.54 9.82 -6.77
N LYS B 19 -22.36 10.67 -7.79
CA LYS B 19 -21.03 11.21 -8.05
C LYS B 19 -21.25 12.59 -8.60
N ALA B 20 -20.51 13.59 -8.04
CA ALA B 20 -20.70 14.93 -8.51
C ALA B 20 -19.46 15.75 -8.20
N ALA B 21 -19.20 16.78 -8.97
CA ALA B 21 -18.31 17.86 -8.53
C ALA B 21 -19.15 18.89 -7.80
N LEU B 22 -18.62 19.37 -6.65
CA LEU B 22 -19.31 20.26 -5.82
C LEU B 22 -18.48 21.45 -5.43
N VAL B 23 -19.05 22.60 -5.50
CA VAL B 23 -18.47 23.86 -5.12
C VAL B 23 -19.29 24.53 -4.05
N VAL B 24 -18.74 24.71 -2.83
CA VAL B 24 -19.47 25.40 -1.75
C VAL B 24 -18.61 26.63 -1.49
N GLU B 25 -18.94 27.79 -1.99
CA GLU B 25 -17.98 28.88 -2.12
C GLU B 25 -17.95 29.81 -0.92
N VAL B 26 -16.76 29.90 -0.31
CA VAL B 26 -16.45 30.82 0.79
C VAL B 26 -15.33 31.69 0.33
N VAL B 27 -15.71 32.94 0.10
CA VAL B 27 -14.85 33.98 -0.43
C VAL B 27 -13.93 34.61 0.58
N GLU B 28 -14.40 34.77 1.84
CA GLU B 28 -13.52 35.30 2.90
C GLU B 28 -12.33 34.37 3.09
N GLU B 29 -11.13 34.94 3.16
CA GLU B 29 -9.97 34.12 3.22
C GLU B 29 -9.98 33.25 4.43
N ASN B 30 -10.36 33.84 5.57
CA ASN B 30 -10.54 33.02 6.75
C ASN B 30 -11.95 32.47 6.84
N TYR B 31 -12.15 31.17 6.67
CA TYR B 31 -13.45 30.58 6.47
C TYR B 31 -14.25 30.24 7.71
N HIS B 32 -13.63 30.55 8.88
CA HIS B 32 -14.37 30.26 10.10
C HIS B 32 -15.56 31.24 10.31
N ASP B 33 -16.68 30.58 10.47
CA ASP B 33 -18.00 31.31 10.63
C ASP B 33 -18.15 32.34 9.54
N ALA B 34 -17.81 31.96 8.32
CA ALA B 34 -17.84 32.87 7.21
C ALA B 34 -19.03 32.52 6.29
N PRO B 35 -19.47 33.52 5.49
CA PRO B 35 -20.63 33.25 4.61
C PRO B 35 -20.33 32.32 3.45
N ILE B 36 -21.30 31.48 3.16
CA ILE B 36 -21.32 30.65 1.95
C ILE B 36 -22.06 31.48 0.95
N VAL B 37 -21.40 31.83 -0.14
CA VAL B 37 -21.96 32.80 -1.15
C VAL B 37 -22.70 32.14 -2.29
N GLY B 38 -22.50 30.86 -2.52
CA GLY B 38 -23.10 30.21 -3.68
C GLY B 38 -22.68 28.76 -3.73
N ILE B 39 -23.43 27.88 -4.39
CA ILE B 39 -23.17 26.45 -4.52
C ILE B 39 -23.26 26.12 -6.00
N ALA B 40 -22.37 25.27 -6.47
CA ALA B 40 -22.50 24.71 -7.82
C ALA B 40 -22.34 23.20 -7.76
N VAL B 41 -23.11 22.45 -8.53
CA VAL B 41 -23.03 21.03 -8.63
C VAL B 41 -22.93 20.67 -10.09
N VAL B 42 -21.99 19.81 -10.46
CA VAL B 42 -21.88 19.27 -11.87
C VAL B 42 -21.89 17.76 -11.74
N ASN B 43 -22.79 17.09 -12.48
CA ASN B 43 -22.86 15.64 -12.44
C ASN B 43 -23.27 15.06 -13.83
N GLU B 44 -23.52 13.78 -13.89
CA GLU B 44 -23.94 13.17 -15.21
C GLU B 44 -25.17 13.84 -15.75
N HIS B 45 -25.94 14.49 -14.90
CA HIS B 45 -27.25 15.15 -15.31
C HIS B 45 -27.24 16.55 -15.77
N GLY B 46 -26.17 17.31 -15.49
CA GLY B 46 -26.03 18.60 -15.95
C GLY B 46 -25.24 19.41 -14.94
N ARG B 47 -25.41 20.72 -14.99
CA ARG B 47 -24.69 21.72 -14.22
C ARG B 47 -25.68 22.61 -13.55
N PHE B 48 -25.49 22.92 -12.27
CA PHE B 48 -26.53 23.54 -11.48
C PHE B 48 -25.91 24.60 -10.59
N PHE B 49 -26.53 25.74 -10.44
CA PHE B 49 -26.15 26.74 -9.46
C PHE B 49 -27.28 26.81 -8.46
N LEU B 50 -26.93 26.71 -7.19
CA LEU B 50 -27.94 26.85 -6.14
C LEU B 50 -27.62 27.99 -5.17
N ARG B 51 -28.64 28.70 -4.73
CA ARG B 51 -28.47 29.72 -3.76
C ARG B 51 -28.40 29.04 -2.39
N PRO B 52 -27.43 29.45 -1.56
CA PRO B 52 -27.26 28.69 -0.33
C PRO B 52 -28.42 28.73 0.65
N GLU B 53 -29.11 29.85 0.70
CA GLU B 53 -30.17 30.01 1.71
C GLU B 53 -31.33 29.04 1.42
N THR B 54 -31.48 28.66 0.14
CA THR B 54 -32.42 27.63 -0.23
C THR B 54 -31.88 26.18 -0.15
N ALA B 55 -30.69 25.90 -0.73
CA ALA B 55 -30.18 24.54 -0.69
C ALA B 55 -29.82 24.08 0.74
N LEU B 56 -29.23 24.97 1.55
CA LEU B 56 -28.76 24.53 2.87
C LEU B 56 -29.95 24.33 3.83
N ALA B 57 -31.15 24.75 3.44
CA ALA B 57 -32.39 24.41 4.21
C ALA B 57 -33.26 23.27 3.62
N ASP B 58 -32.80 22.71 2.52
CA ASP B 58 -33.43 21.60 1.91
C ASP B 58 -33.04 20.26 2.52
N PRO B 59 -34.00 19.53 3.14
CA PRO B 59 -33.59 18.30 3.82
C PRO B 59 -32.85 17.32 2.89
N GLN B 60 -33.27 17.23 1.64
CA GLN B 60 -32.68 16.22 0.77
C GLN B 60 -31.22 16.66 0.39
N PHE B 61 -31.06 17.94 0.19
CA PHE B 61 -29.64 18.49 -0.14
C PHE B 61 -28.70 18.21 1.03
N VAL B 62 -29.20 18.51 2.24
CA VAL B 62 -28.37 18.31 3.43
C VAL B 62 -28.12 16.84 3.65
N ALA B 63 -29.10 15.92 3.37
CA ALA B 63 -28.82 14.54 3.44
C ALA B 63 -27.76 14.04 2.47
N TRP B 64 -27.89 14.59 1.28
CA TRP B 64 -26.95 14.22 0.20
C TRP B 64 -25.49 14.64 0.64
N LEU B 65 -25.40 15.84 1.14
CA LEU B 65 -24.07 16.41 1.63
C LEU B 65 -23.44 15.51 2.64
N GLY B 66 -24.29 14.95 3.54
CA GLY B 66 -23.83 14.15 4.62
C GLY B 66 -23.75 12.63 4.35
N ASP B 67 -24.10 12.18 3.13
CA ASP B 67 -24.08 10.78 2.81
C ASP B 67 -22.73 10.39 2.23
N GLU B 68 -21.96 9.60 2.97
CA GLU B 68 -20.59 9.18 2.57
C GLU B 68 -20.61 8.38 1.23
N THR B 69 -21.74 7.72 0.88
CA THR B 69 -21.83 6.97 -0.41
C THR B 69 -22.17 7.78 -1.61
N LYS B 70 -22.41 9.07 -1.43
CA LYS B 70 -22.66 10.03 -2.49
C LYS B 70 -21.34 10.81 -2.62
N LYS B 71 -20.61 10.46 -3.67
CA LYS B 71 -19.15 10.90 -3.76
C LYS B 71 -19.05 12.32 -4.38
N LYS B 72 -18.19 13.16 -3.80
CA LYS B 72 -18.07 14.53 -4.27
C LYS B 72 -16.55 14.75 -4.56
N SER B 73 -16.38 15.39 -5.70
CA SER B 73 -15.05 15.91 -6.06
CA SER B 73 -15.07 15.93 -6.08
C SER B 73 -15.08 17.40 -5.85
N MET B 74 -14.04 17.98 -5.25
CA MET B 74 -14.05 19.37 -4.80
C MET B 74 -12.62 19.94 -4.97
N PHE B 75 -12.50 21.19 -4.67
CA PHE B 75 -11.20 21.85 -4.48
C PHE B 75 -11.25 22.50 -3.10
N ASP B 76 -10.27 22.15 -2.27
CA ASP B 76 -10.26 22.70 -0.85
C ASP B 76 -11.51 22.31 -0.13
N SER B 77 -11.71 21.02 0.02
CA SER B 77 -12.84 20.51 0.72
C SER B 77 -12.80 20.88 2.21
N LYS B 78 -11.62 21.09 2.78
CA LYS B 78 -11.65 21.48 4.23
C LYS B 78 -12.29 22.82 4.43
N ARG B 79 -12.04 23.81 3.55
CA ARG B 79 -12.64 25.19 3.62
C ARG B 79 -14.21 24.98 3.59
N ALA B 80 -14.71 24.12 2.71
CA ALA B 80 -16.17 23.89 2.64
C ALA B 80 -16.66 23.14 3.84
N ALA B 81 -15.94 22.12 4.29
CA ALA B 81 -16.38 21.29 5.44
C ALA B 81 -16.42 22.20 6.68
N VAL B 82 -15.42 23.03 6.92
CA VAL B 82 -15.47 23.94 8.12
C VAL B 82 -16.52 24.97 7.97
N ALA B 83 -16.70 25.62 6.86
CA ALA B 83 -17.76 26.58 6.75
C ALA B 83 -19.11 25.92 6.92
N LEU B 84 -19.28 24.69 6.47
CA LEU B 84 -20.57 24.01 6.65
C LEU B 84 -20.71 23.62 8.17
N LYS B 85 -19.65 23.21 8.88
CA LYS B 85 -19.79 22.87 10.33
C LYS B 85 -20.27 24.15 11.07
N TRP B 86 -19.85 25.34 10.72
CA TRP B 86 -20.25 26.59 11.38
C TRP B 86 -21.74 26.83 11.10
N LYS B 87 -22.27 26.18 10.08
CA LYS B 87 -23.73 26.24 9.83
C LYS B 87 -24.45 25.02 10.36
N GLY B 88 -23.84 24.16 11.12
CA GLY B 88 -24.39 22.90 11.57
C GLY B 88 -24.67 21.73 10.58
N ILE B 89 -23.90 21.71 9.47
CA ILE B 89 -24.09 20.77 8.42
C ILE B 89 -22.83 19.98 8.18
N GLU B 90 -23.00 18.68 8.08
CA GLU B 90 -21.94 17.68 7.92
C GLU B 90 -21.74 17.51 6.41
N LEU B 91 -20.47 17.53 5.99
CA LEU B 91 -20.06 17.14 4.59
C LEU B 91 -19.27 15.83 4.63
N GLY B 93 -18.19 12.09 2.19
CA GLY B 93 -18.11 11.45 0.83
C GLY B 93 -17.20 12.19 -0.12
N VAL B 94 -16.30 13.04 0.37
CA VAL B 94 -15.37 13.67 -0.55
C VAL B 94 -14.34 12.72 -1.01
N SER B 95 -14.29 12.31 -2.30
CA SER B 95 -13.42 11.31 -2.69
C SER B 95 -12.25 11.85 -3.56
N PHE B 96 -12.32 13.13 -3.91
CA PHE B 96 -11.24 13.79 -4.68
C PHE B 96 -11.20 15.25 -4.31
N ASP B 97 -9.99 15.71 -3.91
CA ASP B 97 -9.77 17.12 -3.66
C ASP B 97 -8.64 17.60 -4.55
N LEU B 98 -9.03 18.41 -5.52
CA LEU B 98 -8.11 18.86 -6.54
C LEU B 98 -6.99 19.71 -5.99
N LEU B 99 -7.20 20.47 -4.87
CA LEU B 99 -6.12 21.28 -4.26
C LEU B 99 -5.06 20.34 -3.72
N LEU B 100 -5.50 19.26 -3.02
CA LEU B 100 -4.51 18.33 -2.53
C LEU B 100 -3.84 17.51 -3.60
N ALA B 101 -4.58 17.16 -4.64
CA ALA B 101 -3.93 16.45 -5.72
C ALA B 101 -2.90 17.30 -6.44
N ALA B 102 -3.23 18.57 -6.73
CA ALA B 102 -2.20 19.46 -7.32
C ALA B 102 -1.01 19.65 -6.44
N TYR B 103 -1.21 19.85 -5.14
CA TYR B 103 -0.12 20.02 -4.21
C TYR B 103 0.81 18.83 -4.25
N LEU B 104 0.22 17.64 -4.25
CA LEU B 104 1.06 16.49 -4.20
C LEU B 104 1.88 16.35 -5.48
N LEU B 105 1.29 16.65 -6.63
CA LEU B 105 2.02 16.48 -7.92
C LEU B 105 3.18 17.45 -7.93
N ASP B 106 3.05 18.64 -7.40
CA ASP B 106 4.20 19.57 -7.42
C ASP B 106 3.92 20.76 -6.51
N PRO B 107 4.49 20.68 -5.30
CA PRO B 107 4.18 21.77 -4.31
C PRO B 107 4.73 23.11 -4.69
N ALA B 108 5.72 23.12 -5.62
CA ALA B 108 6.30 24.39 -6.06
C ALA B 108 5.43 25.13 -6.95
N GLN B 109 4.39 24.55 -7.50
CA GLN B 109 3.53 25.36 -8.37
C GLN B 109 2.73 26.33 -7.54
N GLY B 110 2.59 26.17 -6.24
CA GLY B 110 1.83 27.14 -5.39
C GLY B 110 0.33 27.22 -5.73
N VAL B 111 -0.21 26.12 -6.22
CA VAL B 111 -1.63 26.13 -6.65
C VAL B 111 -2.50 26.44 -5.47
N ASP B 112 -3.31 27.48 -5.70
CA ASP B 112 -4.26 27.84 -4.69
C ASP B 112 -5.62 28.28 -5.26
N ASP B 113 -5.83 28.00 -6.52
CA ASP B 113 -7.23 28.10 -6.98
C ASP B 113 -7.42 27.08 -8.09
N VAL B 114 -8.66 26.86 -8.48
CA VAL B 114 -8.98 25.83 -9.48
C VAL B 114 -8.32 26.21 -10.80
N ALA B 115 -8.31 27.49 -11.16
CA ALA B 115 -7.67 27.81 -12.49
C ALA B 115 -6.20 27.43 -12.52
N ALA B 116 -5.49 27.62 -11.41
CA ALA B 116 -4.04 27.22 -11.42
C ALA B 116 -3.86 25.72 -11.49
N ALA B 117 -4.69 24.95 -10.80
CA ALA B 117 -4.65 23.48 -11.03
C ALA B 117 -4.98 23.09 -12.41
N ALA B 118 -6.01 23.68 -13.01
CA ALA B 118 -6.49 23.31 -14.31
C ALA B 118 -5.46 23.63 -15.39
N LYS B 119 -4.69 24.68 -15.15
CA LYS B 119 -3.64 25.09 -16.12
C LYS B 119 -2.57 23.99 -16.20
N MET B 120 -2.35 23.18 -15.14
CA MET B 120 -1.39 22.08 -15.20
C MET B 120 -1.80 21.02 -16.23
N LYS B 121 -3.06 20.96 -16.64
CA LYS B 121 -3.54 20.00 -17.61
C LYS B 121 -4.11 20.69 -18.90
N GLN B 122 -3.61 21.89 -19.13
CA GLN B 122 -4.04 22.63 -20.39
C GLN B 122 -5.55 22.90 -20.43
N TYR B 123 -6.18 23.12 -19.24
CA TYR B 123 -7.62 23.37 -19.19
C TYR B 123 -7.75 24.80 -18.75
N GLU B 124 -8.33 25.69 -19.60
CA GLU B 124 -8.29 27.13 -19.40
C GLU B 124 -9.68 27.76 -19.40
N ALA B 125 -10.69 26.96 -19.36
CA ALA B 125 -12.08 27.43 -19.46
C ALA B 125 -12.66 27.76 -18.00
N VAL B 126 -11.84 28.42 -17.23
CA VAL B 126 -12.23 28.80 -15.84
C VAL B 126 -11.34 30.00 -15.54
N ARG B 127 -11.89 31.02 -14.86
CA ARG B 127 -11.10 32.15 -14.47
C ARG B 127 -10.40 31.96 -13.08
N PRO B 128 -9.30 32.66 -12.86
CA PRO B 128 -8.67 32.65 -11.54
C PRO B 128 -9.63 33.40 -10.58
N ASP B 129 -9.65 32.94 -9.34
CA ASP B 129 -10.51 33.55 -8.36
C ASP B 129 -10.19 35.01 -8.16
N GLU B 130 -8.92 35.36 -8.17
CA GLU B 130 -8.56 36.80 -7.99
C GLU B 130 -9.15 37.69 -9.07
N ALA B 131 -9.22 37.21 -10.30
CA ALA B 131 -9.90 37.99 -11.38
C ALA B 131 -11.38 38.21 -11.03
N VAL B 132 -12.06 37.20 -10.52
CA VAL B 132 -13.50 37.30 -10.24
C VAL B 132 -13.74 38.16 -9.00
N TYR B 133 -12.92 37.93 -7.97
CA TYR B 133 -13.14 38.59 -6.62
C TYR B 133 -12.23 39.74 -6.19
N GLY B 134 -10.97 39.80 -6.64
CA GLY B 134 -9.90 40.45 -5.82
C GLY B 134 -9.36 41.84 -6.18
N LYS B 135 -8.67 42.57 -5.28
CA LYS B 135 -8.33 42.18 -3.87
C LYS B 135 -8.57 43.28 -2.72
N GLY B 136 -9.60 44.11 -2.89
CA GLY B 136 -10.20 44.96 -1.82
C GLY B 136 -9.94 46.46 -1.83
N ALA B 137 -10.40 47.28 -2.81
CA ALA B 137 -11.39 47.04 -3.91
C ALA B 137 -10.99 45.99 -4.99
N LYS B 138 -11.62 44.82 -5.02
CA LYS B 138 -12.91 44.50 -4.42
C LYS B 138 -12.89 43.65 -3.10
N ARG B 139 -12.16 42.53 -3.14
CA ARG B 139 -12.38 41.32 -2.32
C ARG B 139 -13.84 41.01 -1.96
N ALA B 140 -14.62 40.83 -3.02
CA ALA B 140 -16.06 41.02 -2.93
C ALA B 140 -16.77 40.14 -3.92
N VAL B 141 -17.93 39.68 -3.51
CA VAL B 141 -18.76 38.81 -4.32
C VAL B 141 -19.32 39.60 -5.48
N PRO B 142 -19.15 39.12 -6.75
CA PRO B 142 -19.74 39.92 -7.77
C PRO B 142 -21.25 39.61 -7.97
N ASP B 143 -21.84 40.25 -8.98
CA ASP B 143 -23.24 40.10 -9.35
C ASP B 143 -23.58 38.63 -9.46
N GLU B 144 -24.80 38.22 -9.08
CA GLU B 144 -25.21 36.82 -9.21
C GLU B 144 -24.83 36.08 -10.55
N PRO B 145 -25.05 36.70 -11.73
CA PRO B 145 -24.81 35.88 -12.90
C PRO B 145 -23.32 35.64 -13.07
N VAL B 146 -22.52 36.59 -12.62
CA VAL B 146 -21.06 36.55 -12.72
C VAL B 146 -20.60 35.46 -11.73
N LEU B 147 -21.16 35.54 -10.51
CA LEU B 147 -20.85 34.48 -9.53
C LEU B 147 -21.23 33.08 -9.97
N ALA B 148 -22.42 32.89 -10.52
CA ALA B 148 -22.93 31.58 -10.75
C ALA B 148 -22.11 30.95 -11.91
N GLU B 149 -21.82 31.77 -12.95
CA GLU B 149 -20.97 31.23 -14.01
C GLU B 149 -19.61 30.75 -13.50
N HIS B 150 -19.00 31.54 -12.62
CA HIS B 150 -17.67 31.20 -12.09
C HIS B 150 -17.76 29.90 -11.32
N LEU B 151 -18.74 29.80 -10.41
CA LEU B 151 -18.83 28.57 -9.62
C LEU B 151 -19.09 27.31 -10.43
N VAL B 152 -19.94 27.44 -11.49
CA VAL B 152 -20.21 26.34 -12.34
C VAL B 152 -18.95 25.95 -13.19
N ARG B 153 -18.25 26.99 -13.66
CA ARG B 153 -17.00 26.72 -14.37
C ARG B 153 -15.93 26.01 -13.51
N LYS B 154 -15.93 26.38 -12.24
CA LYS B 154 -14.97 25.65 -11.30
C LYS B 154 -15.40 24.27 -11.12
N ALA B 155 -16.73 24.01 -10.87
CA ALA B 155 -17.19 22.66 -10.75
C ALA B 155 -17.00 21.80 -12.02
N ALA B 156 -17.21 22.46 -13.18
CA ALA B 156 -17.01 21.70 -14.45
C ALA B 156 -15.53 21.38 -14.64
N ALA B 157 -14.64 22.30 -14.21
CA ALA B 157 -13.18 21.98 -14.26
C ALA B 157 -12.81 20.81 -13.36
N ILE B 158 -13.33 20.84 -12.15
CA ILE B 158 -13.07 19.71 -11.23
C ILE B 158 -13.59 18.42 -11.79
N TRP B 159 -14.81 18.49 -12.41
CA TRP B 159 -15.37 17.26 -12.92
C TRP B 159 -14.50 16.64 -14.06
N GLU B 160 -13.99 17.53 -14.92
CA GLU B 160 -13.09 17.08 -16.01
C GLU B 160 -11.72 16.68 -15.58
N LEU B 161 -11.17 17.30 -14.51
CA LEU B 161 -9.79 17.12 -14.17
C LEU B 161 -9.50 15.97 -13.19
N GLU B 162 -10.52 15.41 -12.53
CA GLU B 162 -10.32 14.33 -11.58
C GLU B 162 -9.55 13.19 -12.19
N ARG B 163 -10.02 12.69 -13.37
CA ARG B 163 -9.33 11.51 -13.90
C ARG B 163 -7.86 11.79 -14.33
N PRO B 164 -7.55 12.87 -15.04
CA PRO B 164 -6.13 13.08 -15.38
C PRO B 164 -5.25 13.31 -14.16
N PHE B 165 -5.80 13.99 -13.15
CA PHE B 165 -5.00 14.06 -11.88
C PHE B 165 -4.78 12.74 -11.17
N LEU B 166 -5.84 11.95 -11.08
CA LEU B 166 -5.70 10.63 -10.45
C LEU B 166 -4.72 9.75 -11.25
N ASP B 167 -4.77 9.87 -12.59
CA ASP B 167 -3.85 9.01 -13.37
C ASP B 167 -2.42 9.47 -13.18
N GLU B 168 -2.15 10.80 -13.12
CA GLU B 168 -0.81 11.23 -12.88
C GLU B 168 -0.31 10.82 -11.43
N LEU B 169 -1.21 11.01 -10.45
CA LEU B 169 -0.82 10.58 -9.12
C LEU B 169 -0.51 9.09 -9.10
N ARG B 170 -1.30 8.26 -9.78
CA ARG B 170 -0.95 6.82 -9.82
C ARG B 170 0.39 6.55 -10.44
N ARG B 171 0.70 7.25 -11.53
CA ARG B 171 2.02 7.09 -12.13
C ARG B 171 3.17 7.43 -11.20
N ASN B 172 2.95 8.50 -10.37
CA ASN B 172 3.96 8.90 -9.43
C ASN B 172 3.98 8.10 -8.11
N GLU B 173 3.14 7.01 -8.04
CA GLU B 173 3.06 6.28 -6.71
C GLU B 173 2.51 7.22 -5.61
N GLN B 174 1.55 8.06 -5.98
CA GLN B 174 1.00 9.01 -4.96
C GLN B 174 -0.47 8.76 -4.81
N ASP B 175 -1.04 7.71 -5.45
CA ASP B 175 -2.47 7.45 -5.37
C ASP B 175 -2.94 7.17 -3.89
N ARG B 176 -2.13 6.51 -3.11
CA ARG B 176 -2.46 6.29 -1.68
C ARG B 176 -2.16 7.48 -0.88
N LEU B 177 -1.14 8.24 -1.27
CA LEU B 177 -0.81 9.42 -0.52
C LEU B 177 -1.98 10.37 -0.57
N LEU B 178 -2.69 10.54 -1.70
CA LEU B 178 -3.88 11.37 -1.73
C LEU B 178 -5.01 10.72 -0.91
N VAL B 179 -5.42 9.50 -1.28
CA VAL B 179 -6.72 8.96 -0.82
C VAL B 179 -6.59 8.36 0.59
N GLU B 180 -5.45 7.84 1.00
CA GLU B 180 -5.37 7.16 2.33
C GLU B 180 -4.70 8.11 3.30
N LEU B 181 -4.02 9.18 2.87
CA LEU B 181 -3.30 10.07 3.80
C LEU B 181 -3.87 11.48 3.73
N GLU B 182 -3.67 12.24 2.66
CA GLU B 182 -4.06 13.65 2.73
C GLU B 182 -5.55 13.88 2.83
N GLN B 183 -6.39 13.14 2.09
CA GLN B 183 -7.83 13.42 2.13
C GLN B 183 -8.39 13.02 3.51
N PRO B 184 -8.02 11.87 4.09
CA PRO B 184 -8.59 11.63 5.45
C PRO B 184 -8.04 12.64 6.46
N LEU B 185 -6.77 13.07 6.30
CA LEU B 185 -6.26 14.07 7.24
C LEU B 185 -7.03 15.34 7.09
N SER B 186 -7.42 15.77 5.86
CA SER B 186 -8.17 17.04 5.72
C SER B 186 -9.46 17.00 6.59
N SER B 187 -10.14 15.87 6.66
CA SER B 187 -11.30 15.82 7.52
C SER B 187 -10.96 15.91 9.01
N ILE B 188 -9.85 15.33 9.44
CA ILE B 188 -9.44 15.44 10.84
C ILE B 188 -9.03 16.90 11.18
N LEU B 189 -8.30 17.56 10.27
CA LEU B 189 -7.94 18.97 10.48
C LEU B 189 -9.20 19.81 10.54
N ALA B 190 -10.20 19.54 9.73
CA ALA B 190 -11.45 20.32 9.79
C ALA B 190 -12.09 20.18 11.13
N GLU B 191 -12.06 18.99 11.70
CA GLU B 191 -12.62 18.85 13.05
C GLU B 191 -11.76 19.60 14.06
N MET B 192 -10.44 19.53 13.98
CA MET B 192 -9.56 20.22 14.95
C MET B 192 -9.84 21.70 14.86
N GLU B 193 -9.82 22.27 13.68
CA GLU B 193 -9.97 23.73 13.54
C GLU B 193 -11.34 24.18 14.04
N PHE B 194 -12.38 23.42 13.74
CA PHE B 194 -13.76 23.80 14.18
C PHE B 194 -13.90 23.67 15.67
N ALA B 195 -13.23 22.71 16.30
CA ALA B 195 -13.32 22.55 17.78
C ALA B 195 -12.62 23.77 18.39
N GLY B 196 -11.48 24.15 17.86
CA GLY B 196 -10.70 25.25 18.42
C GLY B 196 -10.01 24.86 19.74
N VAL B 197 -9.27 25.85 20.24
CA VAL B 197 -8.61 25.68 21.52
C VAL B 197 -9.16 26.79 22.43
N LYS B 198 -9.50 26.38 23.67
CA LYS B 198 -9.94 27.42 24.66
C LYS B 198 -8.80 28.13 25.28
N VAL B 199 -8.98 29.47 25.42
CA VAL B 199 -7.94 30.35 25.97
C VAL B 199 -8.47 31.08 27.21
N ASP B 200 -7.61 31.19 28.19
CA ASP B 200 -7.88 32.00 29.47
C ASP B 200 -7.53 33.44 29.20
N THR B 201 -8.53 34.18 28.75
CA THR B 201 -8.18 35.49 28.25
C THR B 201 -7.88 36.43 29.40
N LYS B 202 -8.49 36.13 30.56
CA LYS B 202 -8.01 36.96 31.74
C LYS B 202 -6.63 36.80 32.08
N ARG B 203 -6.10 35.58 32.00
CA ARG B 203 -4.73 35.38 32.14
C ARG B 203 -3.85 36.11 31.09
N LEU B 204 -4.25 36.07 29.82
CA LEU B 204 -3.59 36.84 28.81
C LEU B 204 -3.67 38.38 28.99
N GLU B 205 -4.87 38.85 29.38
CA GLU B 205 -5.16 40.32 29.53
C GLU B 205 -4.34 40.77 30.66
N GLN B 206 -4.29 39.95 31.74
CA GLN B 206 -3.33 40.22 32.84
C GLN B 206 -1.85 40.22 32.41
N MET B 207 -1.42 39.19 31.66
CA MET B 207 -0.07 39.10 31.12
CA MET B 207 -0.08 39.12 31.09
C MET B 207 0.31 40.30 30.20
N GLY B 208 -0.70 40.81 29.46
CA GLY B 208 -0.59 41.95 28.56
C GLY B 208 -0.39 43.26 29.33
N LYS B 209 -1.15 43.41 30.43
CA LYS B 209 -1.07 44.59 31.32
C LYS B 209 0.32 44.61 31.97
N GLU B 210 0.79 43.49 32.47
CA GLU B 210 2.15 43.37 32.94
C GLU B 210 3.20 43.61 31.92
N LEU B 211 3.09 42.98 30.73
CA LEU B 211 4.12 43.13 29.77
C LEU B 211 4.22 44.61 29.35
N ALA B 212 3.10 45.38 29.27
CA ALA B 212 3.14 46.81 28.86
C ALA B 212 4.04 47.56 29.86
N GLU B 213 3.86 47.26 31.16
CA GLU B 213 4.80 47.77 32.23
C GLU B 213 6.30 47.41 32.04
N GLN B 214 6.62 46.14 31.80
CA GLN B 214 8.06 45.74 31.72
C GLN B 214 8.84 46.12 30.39
N LEU B 215 8.09 46.35 29.29
CA LEU B 215 8.70 46.90 28.04
C LEU B 215 9.14 48.36 28.29
N GLY B 216 8.35 49.08 29.09
CA GLY B 216 8.65 50.46 29.51
C GLY B 216 10.08 50.61 30.04
N THR B 217 10.59 49.59 30.74
CA THR B 217 11.79 49.73 31.56
C THR B 217 13.12 49.22 30.97
N VAL B 218 13.08 48.19 30.09
CA VAL B 218 14.31 47.74 29.41
C VAL B 218 14.65 48.84 28.41
N GLU B 219 13.58 49.44 27.95
CA GLU B 219 13.59 50.45 26.92
C GLU B 219 14.24 51.73 27.48
N GLN B 220 13.81 52.16 28.65
CA GLN B 220 14.61 53.23 29.34
C GLN B 220 16.09 52.91 29.61
N ARG B 221 16.44 51.69 30.05
CA ARG B 221 17.87 51.32 30.17
C ARG B 221 18.61 51.42 28.82
N ILE B 222 17.88 51.08 27.73
CA ILE B 222 18.45 51.10 26.41
C ILE B 222 18.68 52.59 26.04
N TYR B 223 17.72 53.45 26.35
CA TYR B 223 17.86 54.89 25.98
C TYR B 223 18.97 55.50 26.83
N GLU B 224 19.02 55.04 28.07
CA GLU B 224 20.05 55.41 29.04
C GLU B 224 21.43 55.00 28.58
N LEU B 225 21.64 53.77 28.10
CA LEU B 225 22.92 53.35 27.54
C LEU B 225 23.30 53.95 26.20
N ALA B 226 22.29 54.26 25.37
CA ALA B 226 22.49 54.82 24.04
C ALA B 226 22.84 56.36 24.17
N GLY B 227 22.47 56.88 25.33
CA GLY B 227 22.37 58.35 25.55
C GLY B 227 21.39 59.08 24.67
N GLN B 228 20.33 58.43 24.17
CA GLN B 228 19.38 59.04 23.24
C GLN B 228 18.19 58.11 23.09
N GLU B 229 16.99 58.67 22.94
CA GLU B 229 15.79 57.93 22.46
C GLU B 229 15.83 57.67 20.98
N PHE B 230 15.27 56.52 20.58
CA PHE B 230 15.34 56.10 19.24
C PHE B 230 14.36 54.88 19.16
N ASN B 231 13.93 54.57 17.97
CA ASN B 231 12.99 53.43 17.83
C ASN B 231 13.81 52.14 17.79
N ILE B 232 13.68 51.34 18.85
CA ILE B 232 14.57 50.15 18.95
C ILE B 232 14.04 49.12 17.90
N ASN B 233 12.75 49.21 17.54
CA ASN B 233 12.17 48.26 16.55
C ASN B 233 12.44 48.63 15.13
N SER B 234 13.26 49.65 14.91
CA SER B 234 13.67 49.98 13.59
C SER B 234 15.12 49.56 13.47
N PRO B 235 15.43 48.41 12.78
CA PRO B 235 16.85 48.04 12.58
C PRO B 235 17.69 49.22 12.03
N LYS B 236 17.12 50.02 11.12
CA LYS B 236 17.70 51.26 10.66
C LYS B 236 18.18 52.28 11.73
N GLN B 237 17.26 52.73 12.56
CA GLN B 237 17.58 53.68 13.62
C GLN B 237 18.52 53.00 14.62
N LEU B 238 18.24 51.74 14.88
CA LEU B 238 19.20 50.96 15.75
C LEU B 238 20.61 50.88 15.23
N GLY B 239 20.79 50.57 13.95
CA GLY B 239 22.13 50.43 13.36
C GLY B 239 22.85 51.76 13.46
N VAL B 240 22.13 52.85 13.36
CA VAL B 240 22.81 54.14 13.53
C VAL B 240 23.34 54.28 14.96
N ILE B 241 22.56 53.90 15.96
CA ILE B 241 23.02 53.97 17.31
C ILE B 241 24.23 53.05 17.49
N LEU B 242 24.14 51.79 17.06
CA LEU B 242 25.21 50.87 17.39
C LEU B 242 26.52 51.15 16.63
N PHE B 243 26.46 51.48 15.34
CA PHE B 243 27.61 51.50 14.48
C PHE B 243 28.08 52.88 14.14
N GLU B 244 27.19 53.83 14.32
CA GLU B 244 27.62 55.23 14.14
C GLU B 244 27.85 55.94 15.43
N LYS B 245 26.87 56.00 16.28
CA LYS B 245 26.99 56.64 17.57
C LYS B 245 27.95 55.91 18.49
N LEU B 246 27.80 54.59 18.65
CA LEU B 246 28.55 53.89 19.70
C LEU B 246 29.78 53.30 19.07
N GLN B 247 29.92 53.43 17.74
CA GLN B 247 31.06 52.92 17.00
C GLN B 247 31.42 51.49 17.30
N LEU B 248 30.43 50.59 17.42
CA LEU B 248 30.77 49.16 17.56
C LEU B 248 31.17 48.63 16.20
N PRO B 249 31.92 47.50 16.11
CA PRO B 249 32.42 47.01 14.81
C PRO B 249 31.25 46.61 13.89
N VAL B 250 31.33 46.98 12.62
CA VAL B 250 30.34 46.50 11.63
C VAL B 250 30.72 45.08 11.23
N LEU B 251 29.89 44.09 11.59
CA LEU B 251 30.23 42.71 11.23
C LEU B 251 29.62 42.23 9.92
N LYS B 252 28.51 42.85 9.53
CA LYS B 252 27.72 42.38 8.40
C LYS B 252 26.81 43.49 7.89
N LYS B 253 26.69 43.61 6.58
CA LYS B 253 25.77 44.61 6.00
C LYS B 253 24.77 43.82 5.19
N THR B 254 23.52 44.32 5.08
CA THR B 254 22.62 43.77 4.02
C THR B 254 22.41 44.89 3.03
N LYS B 255 21.68 44.64 1.94
CA LYS B 255 21.39 45.73 1.00
C LYS B 255 20.75 46.97 1.65
N THR B 256 19.99 46.83 2.74
CA THR B 256 19.47 48.06 3.29
C THR B 256 20.35 48.78 4.30
N GLY B 257 21.30 48.07 4.90
CA GLY B 257 22.25 48.72 5.73
C GLY B 257 22.92 47.73 6.68
N TYR B 258 23.30 48.25 7.83
CA TYR B 258 23.98 47.44 8.87
C TYR B 258 23.06 46.38 9.42
N SER B 259 23.57 45.14 9.46
CA SER B 259 22.85 44.04 10.12
C SER B 259 22.77 44.19 11.64
N THR B 260 21.57 43.93 12.23
CA THR B 260 21.36 43.98 13.66
C THR B 260 20.72 42.61 13.97
N SER B 261 21.09 41.59 13.20
CA SER B 261 20.65 40.21 13.43
C SER B 261 21.02 39.68 14.80
N ALA B 262 20.27 38.71 15.29
CA ALA B 262 20.58 38.06 16.61
C ALA B 262 22.02 37.48 16.61
N ASP B 263 22.50 36.96 15.50
CA ASP B 263 23.86 36.43 15.43
C ASP B 263 24.92 37.53 15.46
N VAL B 264 24.66 38.60 14.75
CA VAL B 264 25.55 39.78 14.81
C VAL B 264 25.57 40.33 16.19
N LEU B 265 24.41 40.53 16.83
CA LEU B 265 24.43 41.07 18.14
C LEU B 265 25.10 40.17 19.16
N GLU B 266 24.92 38.86 19.05
CA GLU B 266 25.73 37.97 19.90
C GLU B 266 27.24 38.17 19.82
N LYS B 267 27.74 38.43 18.62
CA LYS B 267 29.18 38.64 18.38
C LYS B 267 29.55 40.00 18.96
N LEU B 268 28.60 40.94 19.00
CA LEU B 268 28.88 42.32 19.47
C LEU B 268 28.77 42.48 21.02
N ALA B 269 28.16 41.51 21.71
CA ALA B 269 27.90 41.60 23.13
C ALA B 269 29.17 41.91 24.01
N PRO B 270 30.35 41.32 23.67
CA PRO B 270 31.58 41.76 24.47
C PRO B 270 31.90 43.23 24.38
N TYR B 271 31.28 43.98 23.44
CA TYR B 271 31.74 45.36 23.28
C TYR B 271 30.92 46.34 24.07
N HIS B 272 29.64 46.05 24.33
CA HIS B 272 28.77 47.00 24.94
C HIS B 272 27.57 46.38 25.56
N GLU B 273 27.25 46.85 26.76
CA GLU B 273 26.11 46.41 27.52
C GLU B 273 24.74 46.54 26.81
N ILE B 274 24.65 47.51 25.92
CA ILE B 274 23.39 47.82 25.24
C ILE B 274 22.84 46.57 24.48
N VAL B 275 23.79 45.75 24.02
CA VAL B 275 23.51 44.75 22.99
C VAL B 275 22.64 43.67 23.64
N GLU B 276 23.06 43.18 24.82
CA GLU B 276 22.19 42.26 25.51
C GLU B 276 20.84 42.78 25.86
N ASN B 277 20.78 44.06 26.23
CA ASN B 277 19.52 44.69 26.51
C ASN B 277 18.55 44.74 25.29
N ILE B 278 19.17 45.00 24.14
CA ILE B 278 18.35 45.11 22.88
C ILE B 278 17.76 43.68 22.61
N LEU B 279 18.61 42.65 22.74
CA LEU B 279 18.10 41.25 22.48
C LEU B 279 16.93 40.98 23.42
N HIS B 280 17.10 41.29 24.70
CA HIS B 280 15.98 41.10 25.61
C HIS B 280 14.73 41.89 25.28
N TYR B 281 14.88 43.17 24.89
CA TYR B 281 13.73 43.97 24.51
C TYR B 281 12.96 43.37 23.25
N ARG B 282 13.75 42.96 22.26
CA ARG B 282 13.06 42.41 21.08
C ARG B 282 12.35 41.08 21.44
N GLN B 283 12.94 40.28 22.32
CA GLN B 283 12.16 39.07 22.83
C GLN B 283 10.89 39.44 23.49
N LEU B 284 10.96 40.38 24.45
CA LEU B 284 9.71 40.87 25.02
C LEU B 284 8.62 41.48 24.11
N GLY B 285 9.01 42.28 23.11
CA GLY B 285 8.14 42.87 22.19
C GLY B 285 7.51 41.77 21.29
N LYS B 286 8.28 40.72 20.97
CA LYS B 286 7.62 39.55 20.23
C LYS B 286 6.46 38.94 21.03
N LEU B 287 6.73 38.68 22.31
CA LEU B 287 5.68 38.21 23.20
C LEU B 287 4.44 38.99 23.28
N GLN B 288 4.60 40.33 23.48
CA GLN B 288 3.50 41.16 23.56
C GLN B 288 2.75 41.39 22.24
N SER B 289 3.47 41.70 21.14
CA SER B 289 2.76 42.09 19.95
C SER B 289 2.15 40.85 19.18
N THR B 290 2.90 39.75 19.18
CA THR B 290 2.40 38.59 18.38
C THR B 290 1.50 37.70 19.29
N TYR B 291 1.96 37.45 20.49
CA TYR B 291 1.20 36.45 21.26
C TYR B 291 0.06 36.99 22.06
N ILE B 292 0.37 37.92 22.94
CA ILE B 292 -0.73 38.50 23.73
C ILE B 292 -1.74 39.26 22.93
N GLU B 293 -1.30 40.25 22.17
CA GLU B 293 -2.19 41.06 21.40
C GLU B 293 -2.89 40.28 20.26
N GLY B 294 -2.10 39.41 19.61
CA GLY B 294 -2.66 38.60 18.55
C GLY B 294 -3.67 37.58 18.91
N LEU B 295 -3.44 36.84 20.04
CA LEU B 295 -4.39 35.94 20.53
C LEU B 295 -5.64 36.61 20.95
N LEU B 296 -5.43 37.74 21.64
CA LEU B 296 -6.59 38.42 22.14
C LEU B 296 -7.48 38.98 21.03
N LYS B 297 -6.89 39.39 19.90
CA LYS B 297 -7.65 39.85 18.73
C LYS B 297 -8.50 38.75 18.07
N VAL B 298 -8.02 37.51 18.15
CA VAL B 298 -8.66 36.47 17.34
C VAL B 298 -9.53 35.49 18.20
N VAL B 299 -9.41 35.60 19.54
CA VAL B 299 -10.24 34.79 20.40
CA VAL B 299 -10.25 34.78 20.37
C VAL B 299 -11.72 35.14 20.14
N ARG B 300 -12.61 34.17 20.11
CA ARG B 300 -14.09 34.43 19.92
C ARG B 300 -14.57 34.71 21.39
N PRO B 301 -15.16 35.92 21.66
CA PRO B 301 -15.35 36.25 23.04
C PRO B 301 -16.42 35.46 23.78
N ALA B 302 -17.41 34.91 23.07
CA ALA B 302 -18.43 34.19 23.77
C ALA B 302 -18.06 32.78 24.20
N THR B 303 -17.10 32.18 23.44
CA THR B 303 -16.72 30.80 23.71
C THR B 303 -15.30 30.75 24.25
N LYS B 304 -14.56 31.80 24.07
CA LYS B 304 -13.15 31.95 24.43
C LYS B 304 -12.30 30.93 23.64
N LYS B 305 -12.73 30.60 22.44
CA LYS B 305 -11.88 29.67 21.59
C LYS B 305 -11.11 30.44 20.54
N VAL B 306 -9.95 29.93 20.20
CA VAL B 306 -9.24 30.39 19.00
CA VAL B 306 -9.26 30.36 19.04
C VAL B 306 -9.29 29.23 18.02
N HIS B 307 -9.57 29.61 16.79
CA HIS B 307 -9.70 28.65 15.66
C HIS B 307 -8.66 28.87 14.57
N THR B 308 -7.56 28.10 14.64
CA THR B 308 -6.53 28.25 13.60
C THR B 308 -7.07 27.64 12.26
N ILE B 309 -6.25 27.96 11.23
CA ILE B 309 -6.37 27.30 9.92
C ILE B 309 -5.07 26.62 9.70
N PHE B 310 -5.15 25.31 9.53
CA PHE B 310 -3.98 24.53 9.06
C PHE B 310 -3.90 24.52 7.58
N ASN B 311 -2.86 25.10 6.99
CA ASN B 311 -2.72 25.07 5.51
C ASN B 311 -1.98 23.74 5.20
N GLN B 312 -2.72 22.83 4.51
CA GLN B 312 -2.24 21.55 4.23
C GLN B 312 -1.62 21.49 2.82
N ALA B 313 -1.70 22.61 2.10
CA ALA B 313 -1.21 22.58 0.69
C ALA B 313 -0.26 23.69 0.45
N LEU B 314 0.71 23.93 1.34
CA LEU B 314 1.65 25.07 1.20
CA LEU B 314 1.64 25.05 1.20
C LEU B 314 3.09 24.64 1.22
N THR B 315 3.50 23.89 2.25
CA THR B 315 4.94 23.72 2.39
C THR B 315 5.56 22.84 1.35
N GLN B 316 6.85 23.11 1.11
CA GLN B 316 7.50 22.29 0.04
C GLN B 316 7.93 20.96 0.50
N THR B 317 7.80 20.64 1.78
CA THR B 317 8.24 19.36 2.30
C THR B 317 7.09 18.45 2.73
N GLY B 318 5.88 18.96 2.77
CA GLY B 318 4.79 18.16 3.26
C GLY B 318 4.38 18.38 4.69
N ARG B 319 5.06 19.32 5.36
CA ARG B 319 4.53 19.80 6.63
C ARG B 319 3.25 20.53 6.45
N LEU B 320 2.57 20.67 7.60
CA LEU B 320 1.43 21.67 7.67
C LEU B 320 2.03 23.03 8.02
N SER B 321 1.22 24.05 7.82
CA SER B 321 1.48 25.35 8.49
C SER B 321 0.17 25.73 9.17
N SER B 322 0.29 26.72 10.08
CA SER B 322 -0.84 27.13 10.89
C SER B 322 -0.91 28.66 10.87
N THR B 323 -2.14 29.16 10.65
CA THR B 323 -2.31 30.66 10.49
C THR B 323 -3.52 31.10 11.21
N GLU B 324 -3.40 32.37 11.60
CA GLU B 324 -4.58 33.18 12.11
C GLU B 324 -5.33 32.58 13.24
N PRO B 325 -4.70 32.27 14.38
CA PRO B 325 -3.32 32.53 14.68
C PRO B 325 -2.42 31.26 14.37
N ASN B 326 -1.14 31.50 14.26
CA ASN B 326 -0.19 30.33 14.20
C ASN B 326 -0.14 29.77 15.56
N LEU B 327 -0.60 28.53 15.71
CA LEU B 327 -0.50 27.85 17.00
C LEU B 327 0.63 26.82 16.94
N GLN B 328 1.50 26.88 15.97
CA GLN B 328 2.65 25.98 15.89
C GLN B 328 3.93 26.73 16.30
N ASN B 329 3.82 27.99 16.79
CA ASN B 329 5.04 28.64 17.29
C ASN B 329 4.81 29.34 18.63
N ILE B 330 3.99 28.76 19.45
CA ILE B 330 3.81 29.35 20.79
C ILE B 330 5.04 29.15 21.60
N PRO B 331 5.48 30.22 22.31
CA PRO B 331 6.79 30.12 22.98
C PRO B 331 6.95 28.99 24.01
N ILE B 332 8.19 28.55 24.04
CA ILE B 332 8.57 27.45 24.98
C ILE B 332 9.99 27.63 25.49
N ARG B 333 10.90 28.20 24.70
CA ARG B 333 12.33 28.17 25.05
C ARG B 333 12.66 29.01 26.27
N LEU B 334 12.10 30.19 26.39
CA LEU B 334 12.45 30.98 27.61
C LEU B 334 11.25 30.93 28.54
N GLU B 335 11.53 30.88 29.85
CA GLU B 335 10.45 30.78 30.82
C GLU B 335 9.32 31.85 30.76
N GLU B 336 9.64 33.14 30.53
CA GLU B 336 8.68 34.23 30.44
C GLU B 336 7.65 33.95 29.35
N GLY B 337 8.16 33.49 28.20
CA GLY B 337 7.32 33.25 27.03
C GLY B 337 6.51 31.98 27.28
N ARG B 338 7.21 30.97 27.81
CA ARG B 338 6.59 29.64 28.05
C ARG B 338 5.30 29.79 28.86
N LYS B 339 5.26 30.74 29.76
CA LYS B 339 4.09 30.87 30.61
C LYS B 339 2.82 31.21 29.83
N ILE B 340 2.89 31.72 28.57
CA ILE B 340 1.73 31.92 27.71
C ILE B 340 0.95 30.62 27.56
N ARG B 341 1.70 29.51 27.69
CA ARG B 341 0.99 28.20 27.58
C ARG B 341 0.03 27.86 28.75
N GLN B 342 0.14 28.61 29.90
CA GLN B 342 -0.85 28.45 30.99
C GLN B 342 -2.24 29.00 30.56
N ALA B 343 -2.25 29.77 29.46
CA ALA B 343 -3.49 30.36 29.03
C ALA B 343 -4.21 29.46 28.05
N PHE B 344 -3.62 28.32 27.65
CA PHE B 344 -4.33 27.39 26.77
C PHE B 344 -4.87 26.24 27.59
N VAL B 345 -6.17 26.15 27.66
CA VAL B 345 -6.80 25.32 28.72
C VAL B 345 -7.77 24.35 28.04
N PRO B 346 -8.26 23.34 28.68
CA PRO B 346 -9.21 22.42 28.11
C PRO B 346 -10.58 23.07 27.95
N SER B 347 -11.38 22.54 27.03
CA SER B 347 -12.60 23.19 26.67
C SER B 347 -13.72 22.95 27.70
N GLU B 348 -13.46 22.01 28.60
CA GLU B 348 -14.49 21.65 29.64
C GLU B 348 -13.70 21.51 30.97
N SER B 349 -14.40 21.75 32.13
CA SER B 349 -13.79 21.91 33.42
C SER B 349 -13.04 20.70 33.96
N ASP B 350 -13.55 19.55 33.70
CA ASP B 350 -13.00 18.34 34.31
C ASP B 350 -12.22 17.57 33.17
N TRP B 351 -11.78 18.33 32.16
CA TRP B 351 -10.87 17.78 31.12
C TRP B 351 -9.47 18.27 31.37
N LEU B 352 -8.47 17.62 30.67
CA LEU B 352 -7.10 17.93 30.75
C LEU B 352 -6.49 17.96 29.29
N ILE B 353 -5.36 18.63 29.22
CA ILE B 353 -4.55 18.64 27.98
C ILE B 353 -3.58 17.45 28.07
N PHE B 354 -3.48 16.73 26.95
CA PHE B 354 -2.51 15.64 26.80
C PHE B 354 -1.61 15.86 25.60
N ALA B 355 -0.32 15.87 25.83
CA ALA B 355 0.65 16.25 24.72
C ALA B 355 1.56 15.06 24.52
N ALA B 356 1.71 14.67 23.22
CA ALA B 356 2.65 13.54 22.93
C ALA B 356 3.62 13.97 21.87
N ASP B 357 4.89 13.67 22.00
CA ASP B 357 5.85 14.15 20.97
C ASP B 357 6.75 12.98 20.58
N TYR B 358 7.13 12.92 19.32
CA TYR B 358 8.22 12.04 18.92
C TYR B 358 9.55 12.59 19.39
N SER B 359 10.38 11.69 19.95
CA SER B 359 11.74 12.02 20.30
C SER B 359 12.70 11.79 19.12
N GLN B 360 13.29 12.87 18.71
CA GLN B 360 14.34 12.86 17.64
CA GLN B 360 14.31 12.98 17.65
C GLN B 360 13.90 12.23 16.36
N ILE B 361 12.66 12.53 15.90
CA ILE B 361 12.13 11.85 14.73
C ILE B 361 13.05 12.10 13.49
N GLU B 362 13.52 13.32 13.33
CA GLU B 362 14.39 13.53 12.13
C GLU B 362 15.64 12.73 12.12
N LEU B 363 16.33 12.57 13.27
CA LEU B 363 17.55 11.73 13.30
C LEU B 363 17.22 10.26 13.17
N ARG B 364 16.06 9.84 13.72
CA ARG B 364 15.69 8.49 13.55
C ARG B 364 15.37 8.15 12.09
N VAL B 365 14.63 9.09 11.39
CA VAL B 365 14.40 8.95 9.93
C VAL B 365 15.74 8.90 9.16
N LEU B 366 16.64 9.78 9.49
CA LEU B 366 17.99 9.80 8.85
C LEU B 366 18.60 8.43 9.04
N ALA B 367 18.57 7.91 10.29
CA ALA B 367 19.15 6.57 10.43
C ALA B 367 18.55 5.46 9.56
N HIS B 368 17.22 5.47 9.42
CA HIS B 368 16.50 4.56 8.56
C HIS B 368 16.89 4.75 7.07
N ILE B 369 16.81 6.02 6.63
CA ILE B 369 17.01 6.22 5.19
C ILE B 369 18.49 5.96 4.81
N ALA B 370 19.37 6.41 5.67
CA ALA B 370 20.82 6.25 5.31
C ALA B 370 21.25 4.80 5.59
N GLU B 371 20.53 4.06 6.45
CA GLU B 371 21.01 2.70 6.88
C GLU B 371 22.36 2.75 7.46
N ASP B 372 22.66 3.78 8.22
CA ASP B 372 23.93 3.90 8.83
C ASP B 372 23.99 2.92 10.05
N ASP B 373 24.93 1.98 10.03
CA ASP B 373 24.92 0.93 11.08
C ASP B 373 25.15 1.55 12.46
N ASN B 374 26.03 2.52 12.61
CA ASN B 374 26.36 3.10 13.96
C ASN B 374 25.15 3.91 14.45
N LEU B 375 24.53 4.75 13.59
CA LEU B 375 23.39 5.53 13.98
C LEU B 375 22.18 4.63 14.27
N MET B 376 21.92 3.58 13.45
CA MET B 376 20.81 2.67 13.78
C MET B 376 21.10 2.01 15.12
N GLU B 377 22.32 1.59 15.38
CA GLU B 377 22.60 0.92 16.67
C GLU B 377 22.38 1.82 17.84
N ALA B 378 22.69 3.11 17.68
CA ALA B 378 22.51 4.13 18.76
C ALA B 378 21.04 4.20 19.10
N PHE B 379 20.17 4.30 18.14
CA PHE B 379 18.73 4.40 18.37
C PHE B 379 18.16 3.08 18.89
N ARG B 380 18.73 1.95 18.47
CA ARG B 380 18.25 0.62 18.94
C ARG B 380 18.64 0.48 20.42
N ARG B 381 19.63 1.17 20.89
CA ARG B 381 20.00 1.17 22.32
C ARG B 381 19.29 2.28 23.08
N ASP B 382 18.51 3.08 22.37
CA ASP B 382 17.92 4.31 22.90
C ASP B 382 18.96 5.14 23.62
N LEU B 383 20.12 5.32 23.00
CA LEU B 383 21.24 6.13 23.54
C LEU B 383 20.85 7.58 23.45
N ASP B 384 21.34 8.43 24.36
CA ASP B 384 21.24 9.88 24.13
C ASP B 384 22.13 10.18 22.89
N ILE B 385 21.45 10.64 21.85
CA ILE B 385 22.16 10.79 20.57
C ILE B 385 23.20 11.93 20.59
N HIS B 386 22.97 12.95 21.42
CA HIS B 386 24.02 13.99 21.60
C HIS B 386 25.26 13.49 22.32
N THR B 387 25.07 12.75 23.41
CA THR B 387 26.22 12.11 24.02
C THR B 387 26.96 11.18 23.12
N LYS B 388 26.22 10.35 22.38
CA LYS B 388 26.85 9.49 21.44
C LYS B 388 27.73 10.24 20.46
N THR B 389 27.17 11.29 19.89
CA THR B 389 27.89 12.02 18.89
C THR B 389 29.19 12.57 19.50
N ALA B 390 29.06 13.07 20.72
CA ALA B 390 30.25 13.51 21.50
C ALA B 390 31.29 12.38 21.74
N MET B 391 30.87 11.20 22.21
CA MET B 391 31.85 10.09 22.27
C MET B 391 32.62 9.77 20.98
N ASP B 392 31.90 9.71 19.86
CA ASP B 392 32.54 9.31 18.64
C ASP B 392 33.47 10.41 18.06
N ILE B 393 32.99 11.63 18.14
CA ILE B 393 33.72 12.77 17.69
C ILE B 393 34.96 13.04 18.54
N PHE B 394 34.82 13.05 19.87
CA PHE B 394 35.98 13.39 20.74
C PHE B 394 36.84 12.14 21.11
N GLN B 395 36.47 10.97 20.58
CA GLN B 395 37.15 9.66 20.82
C GLN B 395 37.31 9.37 22.32
N VAL B 396 36.35 9.88 23.09
CA VAL B 396 36.21 9.67 24.54
C VAL B 396 35.06 8.70 24.89
N SER B 397 35.04 8.30 26.15
CA SER B 397 34.00 7.44 26.69
C SER B 397 32.84 8.29 27.20
N GLU B 398 31.65 7.69 27.25
CA GLU B 398 30.44 8.34 27.77
C GLU B 398 30.77 9.18 28.97
N ASP B 399 31.63 8.59 29.78
CA ASP B 399 31.98 9.03 31.10
C ASP B 399 32.63 10.40 31.06
N GLU B 400 33.67 10.51 30.24
CA GLU B 400 34.45 11.75 30.13
C GLU B 400 33.85 12.80 29.18
N VAL B 401 32.61 12.58 28.71
CA VAL B 401 31.95 13.59 27.86
C VAL B 401 31.47 14.69 28.76
N THR B 402 32.08 15.89 28.60
CA THR B 402 31.76 17.10 29.35
C THR B 402 30.42 17.71 28.87
N PRO B 403 29.73 18.53 29.71
CA PRO B 403 28.50 19.09 29.15
C PRO B 403 28.77 19.99 27.95
N ASN B 404 29.99 20.54 27.86
CA ASN B 404 30.34 21.36 26.68
C ASN B 404 30.55 20.51 25.43
N MET B 405 31.19 19.35 25.59
CA MET B 405 31.29 18.45 24.47
C MET B 405 29.91 18.00 23.93
N ARG B 406 28.94 17.79 24.86
CA ARG B 406 27.56 17.39 24.50
C ARG B 406 26.83 18.52 23.78
N ARG B 407 27.09 19.74 24.23
CA ARG B 407 26.58 20.91 23.47
C ARG B 407 27.23 20.96 22.12
N GLN B 408 28.52 20.72 22.01
CA GLN B 408 29.11 20.84 20.66
C GLN B 408 28.54 19.71 19.75
N ALA B 409 28.31 18.51 20.34
CA ALA B 409 27.76 17.43 19.54
C ALA B 409 26.32 17.68 19.09
N LYS B 410 25.50 18.27 19.95
CA LYS B 410 24.13 18.58 19.65
C LYS B 410 24.00 19.49 18.44
N ALA B 411 24.87 20.51 18.39
CA ALA B 411 24.80 21.40 17.26
C ALA B 411 25.21 20.67 15.97
N VAL B 412 26.18 19.78 16.04
CA VAL B 412 26.61 18.99 14.93
C VAL B 412 25.35 18.21 14.47
N ASN B 413 24.72 17.49 15.42
CA ASN B 413 23.64 16.57 14.94
C ASN B 413 22.53 17.29 14.19
N TYR B 414 22.07 18.41 14.73
CA TYR B 414 21.06 19.18 14.08
C TYR B 414 21.58 19.85 12.80
N GLY B 415 22.85 20.22 12.86
CA GLY B 415 23.49 20.87 11.73
C GLY B 415 23.54 20.02 10.50
N ILE B 416 23.89 18.75 10.70
CA ILE B 416 24.06 17.84 9.60
C ILE B 416 22.71 17.65 8.87
N VAL B 417 21.62 17.59 9.64
CA VAL B 417 20.32 17.38 8.94
CA VAL B 417 20.23 17.43 9.08
C VAL B 417 19.86 18.57 8.10
N TYR B 418 20.50 19.75 8.35
CA TYR B 418 20.18 21.01 7.55
C TYR B 418 21.29 21.33 6.61
N GLY B 419 22.30 20.46 6.51
CA GLY B 419 23.44 20.73 5.54
C GLY B 419 24.38 21.87 6.04
N ILE B 420 24.60 22.01 7.35
CA ILE B 420 25.44 23.15 7.88
C ILE B 420 26.88 23.07 7.29
N SER B 421 27.45 24.22 7.03
CA SER B 421 28.83 24.26 6.54
C SER B 421 29.80 24.34 7.78
N ASP B 422 31.12 24.19 7.51
CA ASP B 422 32.06 24.44 8.64
CA ASP B 422 32.16 24.44 8.55
C ASP B 422 31.97 25.86 9.11
N TYR B 423 31.79 26.85 8.19
CA TYR B 423 31.53 28.22 8.64
C TYR B 423 30.34 28.38 9.58
N GLY B 424 29.17 27.78 9.19
CA GLY B 424 27.93 27.83 9.97
C GLY B 424 28.15 27.16 11.35
N LEU B 425 28.82 26.03 11.39
CA LEU B 425 29.02 25.31 12.67
C LEU B 425 30.04 26.09 13.57
N ALA B 426 31.08 26.64 12.94
CA ALA B 426 32.08 27.43 13.77
C ALA B 426 31.43 28.63 14.39
N GLN B 427 30.52 29.27 13.63
CA GLN B 427 29.82 30.44 14.12
C GLN B 427 28.90 30.11 15.25
N ASN B 428 28.26 28.93 15.18
CA ASN B 428 27.31 28.47 16.20
C ASN B 428 27.98 28.25 17.52
N LEU B 429 29.07 27.52 17.47
CA LEU B 429 29.75 27.05 18.63
C LEU B 429 30.84 28.08 19.05
N ASN B 430 31.15 29.05 18.18
CA ASN B 430 32.09 30.15 18.48
C ASN B 430 33.40 29.54 18.75
N ILE B 431 33.79 28.69 17.82
CA ILE B 431 35.07 27.98 17.82
C ILE B 431 35.80 28.28 16.57
N SER B 432 37.06 27.90 16.57
CA SER B 432 37.93 28.00 15.42
C SER B 432 37.29 27.26 14.21
N ARG B 433 37.20 27.90 13.06
CA ARG B 433 36.67 27.21 11.89
C ARG B 433 37.40 25.92 11.60
N LYS B 434 38.66 25.84 12.02
CA LYS B 434 39.41 24.64 11.86
C LYS B 434 38.82 23.49 12.65
N GLU B 435 38.38 23.82 13.87
CA GLU B 435 37.88 22.84 14.84
C GLU B 435 36.49 22.37 14.39
N ALA B 436 35.63 23.35 14.11
CA ALA B 436 34.32 23.07 13.40
C ALA B 436 34.44 22.13 12.21
N ALA B 437 35.37 22.39 11.28
CA ALA B 437 35.60 21.50 10.16
C ALA B 437 36.02 20.11 10.56
N GLU B 438 36.94 19.99 11.54
CA GLU B 438 37.28 18.66 12.09
C GLU B 438 36.09 17.96 12.74
N PHE B 439 35.25 18.71 13.44
CA PHE B 439 33.99 18.13 14.02
C PHE B 439 33.12 17.48 12.95
N ILE B 440 32.94 18.19 11.83
CA ILE B 440 32.08 17.64 10.75
C ILE B 440 32.79 16.47 10.10
N GLU B 441 34.11 16.59 9.86
CA GLU B 441 34.83 15.50 9.34
C GLU B 441 34.76 14.18 10.24
N ARG B 442 34.94 14.34 11.54
CA ARG B 442 34.77 13.23 12.52
C ARG B 442 33.34 12.69 12.56
N TYR B 443 32.36 13.58 12.40
CA TYR B 443 30.96 13.10 12.34
C TYR B 443 30.85 12.09 11.21
N PHE B 444 31.31 12.45 10.00
CA PHE B 444 31.12 11.58 8.84
C PHE B 444 32.00 10.36 8.86
N GLU B 445 33.15 10.48 9.52
CA GLU B 445 33.98 9.32 9.86
C GLU B 445 33.24 8.28 10.73
N SER B 446 32.52 8.75 11.73
CA SER B 446 31.71 7.95 12.66
C SER B 446 30.43 7.38 12.07
N PHE B 447 29.88 8.14 11.12
CA PHE B 447 28.53 7.79 10.51
C PHE B 447 28.73 7.80 9.02
N PRO B 448 29.48 6.81 8.50
CA PRO B 448 29.81 6.83 7.07
C PRO B 448 28.57 6.55 6.21
N GLY B 449 27.52 5.86 6.71
CA GLY B 449 26.24 5.73 5.95
C GLY B 449 25.59 7.10 5.76
N VAL B 450 25.69 8.05 6.70
CA VAL B 450 25.11 9.36 6.53
C VAL B 450 25.85 10.07 5.38
N LYS B 451 27.18 9.94 5.34
CA LYS B 451 27.99 10.62 4.31
C LYS B 451 27.62 10.05 2.96
N ARG B 452 27.49 8.76 2.87
CA ARG B 452 27.11 8.10 1.61
C ARG B 452 25.72 8.51 1.16
N TYR B 453 24.76 8.63 2.12
CA TYR B 453 23.43 9.12 1.79
C TYR B 453 23.54 10.53 1.24
N MET B 454 24.27 11.43 1.86
CA MET B 454 24.25 12.84 1.39
CA MET B 454 24.32 12.80 1.37
C MET B 454 24.81 12.82 -0.07
N GLU B 455 25.79 11.95 -0.38
CA GLU B 455 26.31 11.91 -1.76
C GLU B 455 25.24 11.32 -2.66
N ASN B 456 24.65 10.23 -2.26
CA ASN B 456 23.75 9.44 -3.13
C ASN B 456 22.46 10.27 -3.44
N ILE B 457 21.93 10.99 -2.45
CA ILE B 457 20.62 11.66 -2.67
C ILE B 457 20.80 12.87 -3.58
N VAL B 458 21.95 13.49 -3.61
CA VAL B 458 22.24 14.61 -4.57
C VAL B 458 22.36 13.95 -5.93
N GLN B 459 22.97 12.77 -6.07
CA GLN B 459 23.04 12.18 -7.38
C GLN B 459 21.67 11.72 -7.89
N GLU B 460 20.83 11.16 -7.00
CA GLU B 460 19.52 10.77 -7.36
C GLU B 460 18.67 11.99 -7.76
N ALA B 461 18.82 13.10 -7.07
CA ALA B 461 18.05 14.31 -7.45
C ALA B 461 18.47 14.75 -8.87
N LYS B 462 19.75 14.72 -9.13
CA LYS B 462 20.25 15.04 -10.52
C LYS B 462 19.71 14.10 -11.51
N GLN B 463 19.66 12.81 -11.29
CA GLN B 463 19.21 11.85 -12.28
C GLN B 463 17.72 11.90 -12.53
N LYS B 464 16.94 11.87 -11.40
CA LYS B 464 15.51 11.81 -11.54
C LYS B 464 14.87 13.16 -11.73
N GLY B 465 15.49 14.21 -11.16
CA GLY B 465 14.91 15.54 -11.17
C GLY B 465 14.21 15.93 -9.84
N TYR B 466 14.09 14.95 -8.94
CA TYR B 466 13.26 15.25 -7.70
C TYR B 466 13.79 14.29 -6.67
N VAL B 467 13.45 14.61 -5.40
CA VAL B 467 13.62 13.66 -4.24
C VAL B 467 12.24 13.34 -3.73
N THR B 468 12.18 12.23 -2.93
CA THR B 468 10.95 11.72 -2.42
CA THR B 468 10.94 11.71 -2.44
C THR B 468 11.07 11.40 -0.96
N THR B 469 9.90 11.15 -0.40
CA THR B 469 9.80 10.79 1.03
C THR B 469 9.25 9.37 1.16
N LEU B 470 9.17 8.94 2.45
CA LEU B 470 8.67 7.54 2.74
C LEU B 470 7.37 7.21 2.08
N LEU B 471 6.38 8.13 2.15
CA LEU B 471 5.08 7.90 1.54
C LEU B 471 4.91 8.49 0.17
N HIS B 472 6.06 8.81 -0.45
CA HIS B 472 6.13 9.15 -1.94
C HIS B 472 5.73 10.58 -2.25
N ARG B 473 5.87 11.47 -1.27
CA ARG B 473 5.75 12.88 -1.66
C ARG B 473 6.95 13.21 -2.49
N ARG B 474 6.83 14.26 -3.33
CA ARG B 474 8.02 14.66 -4.11
C ARG B 474 8.31 16.12 -4.10
N ARG B 475 9.56 16.44 -4.31
CA ARG B 475 9.95 17.83 -4.48
C ARG B 475 10.97 17.82 -5.65
N TYR B 476 10.53 18.59 -6.66
CA TYR B 476 11.50 18.74 -7.80
C TYR B 476 12.61 19.73 -7.45
N LEU B 477 13.81 19.40 -7.96
CA LEU B 477 14.97 20.24 -7.62
C LEU B 477 15.80 20.60 -8.90
N PRO B 478 15.18 21.34 -9.77
CA PRO B 478 15.95 21.65 -11.01
C PRO B 478 17.21 22.48 -10.78
N ASP B 479 17.29 23.24 -9.69
CA ASP B 479 18.52 24.01 -9.41
C ASP B 479 19.74 23.20 -9.00
N ILE B 480 19.60 21.87 -8.80
CA ILE B 480 20.73 21.02 -8.28
C ILE B 480 21.95 21.00 -9.20
N THR B 481 21.66 21.37 -10.42
CA THR B 481 22.72 21.49 -11.44
C THR B 481 23.11 22.93 -11.78
N SER B 482 22.60 23.96 -11.10
CA SER B 482 23.09 25.33 -11.36
C SER B 482 24.64 25.49 -11.27
N ARG B 483 25.20 26.43 -12.07
CA ARG B 483 26.63 26.74 -11.97
C ARG B 483 26.82 27.76 -10.86
N ASN B 484 25.75 28.45 -10.48
CA ASN B 484 25.78 29.36 -9.36
C ASN B 484 26.04 28.60 -8.07
N PHE B 485 27.08 28.99 -7.34
CA PHE B 485 27.52 28.27 -6.15
C PHE B 485 26.41 28.28 -5.12
N ASN B 486 25.80 29.46 -4.94
CA ASN B 486 24.83 29.62 -3.86
C ASN B 486 23.59 28.79 -4.25
N VAL B 487 23.24 28.82 -5.52
CA VAL B 487 21.93 28.23 -5.97
C VAL B 487 22.07 26.70 -5.87
N ARG B 488 23.14 26.15 -6.42
CA ARG B 488 23.45 24.74 -6.39
C ARG B 488 23.60 24.31 -4.93
N SER B 489 24.31 25.06 -4.06
CA SER B 489 24.55 24.55 -2.77
C SER B 489 23.23 24.48 -1.94
N PHE B 490 22.33 25.45 -2.14
CA PHE B 490 21.02 25.49 -1.40
C PHE B 490 20.21 24.29 -1.94
N ALA B 491 20.23 24.02 -3.25
CA ALA B 491 19.47 22.94 -3.79
C ALA B 491 20.00 21.60 -3.21
N GLU B 492 21.32 21.45 -3.06
CA GLU B 492 21.89 20.18 -2.52
C GLU B 492 21.42 20.01 -1.06
N ARG B 493 21.28 21.10 -0.35
CA ARG B 493 20.85 21.02 1.08
C ARG B 493 19.39 20.52 1.04
N MET B 494 18.58 21.03 0.11
CA MET B 494 17.14 20.64 0.05
C MET B 494 17.08 19.15 -0.26
N ALA B 495 17.95 18.67 -1.15
CA ALA B 495 17.91 17.25 -1.53
C ALA B 495 18.22 16.35 -0.27
N MET B 496 19.11 16.83 0.55
CA MET B 496 19.58 16.03 1.75
C MET B 496 18.44 16.15 2.77
N ASN B 497 17.83 17.30 2.92
CA ASN B 497 16.91 17.55 4.09
C ASN B 497 15.51 17.14 3.74
N THR B 498 15.03 17.37 2.51
CA THR B 498 13.59 17.18 2.24
C THR B 498 13.13 15.74 2.50
N PRO B 499 13.89 14.71 2.15
CA PRO B 499 13.42 13.34 2.43
C PRO B 499 13.31 13.16 3.96
N ILE B 500 14.14 13.82 4.74
CA ILE B 500 14.08 13.61 6.18
CA ILE B 500 14.17 13.69 6.24
C ILE B 500 12.92 14.39 6.75
N GLN B 501 12.81 15.72 6.53
CA GLN B 501 11.70 16.44 7.08
C GLN B 501 10.37 15.94 6.53
N GLY B 502 10.32 15.59 5.23
CA GLY B 502 9.05 15.22 4.65
C GLY B 502 8.64 13.82 5.11
N SER B 503 9.59 12.90 5.33
CA SER B 503 9.15 11.60 5.84
C SER B 503 8.69 11.76 7.30
N ALA B 504 9.34 12.63 8.05
CA ALA B 504 8.80 12.85 9.43
C ALA B 504 7.39 13.39 9.33
N ALA B 505 7.08 14.27 8.35
CA ALA B 505 5.73 14.80 8.19
C ALA B 505 4.79 13.72 7.79
N ASP B 506 5.20 12.78 6.95
CA ASP B 506 4.33 11.65 6.53
C ASP B 506 4.02 10.77 7.75
N ILE B 507 4.99 10.56 8.64
CA ILE B 507 4.76 9.65 9.78
C ILE B 507 3.76 10.31 10.76
N ILE B 508 3.91 11.61 11.08
CA ILE B 508 2.91 12.15 12.07
C ILE B 508 1.56 12.24 11.46
N LYS B 509 1.45 12.54 10.15
CA LYS B 509 0.12 12.55 9.54
C LYS B 509 -0.53 11.17 9.59
N LYS B 510 0.22 10.10 9.29
CA LYS B 510 -0.37 8.77 9.42
C LYS B 510 -0.75 8.55 10.89
N ALA B 511 0.09 8.90 11.79
CA ALA B 511 -0.30 8.75 13.23
C ALA B 511 -1.59 9.44 13.59
N MET B 512 -1.83 10.63 13.01
CA MET B 512 -3.11 11.33 13.33
C MET B 512 -4.26 10.57 12.81
N ILE B 513 -4.20 10.00 11.59
CA ILE B 513 -5.35 9.24 11.03
C ILE B 513 -5.52 7.99 11.89
N ASP B 514 -4.41 7.32 12.24
CA ASP B 514 -4.54 6.06 13.02
C ASP B 514 -5.10 6.41 14.41
N LEU B 515 -4.67 7.51 14.97
CA LEU B 515 -5.19 7.91 16.32
C LEU B 515 -6.64 8.19 16.22
N ASN B 516 -7.11 8.98 15.27
N ASN B 516 -7.17 8.93 15.24
CA ASN B 516 -8.52 9.34 15.20
CA ASN B 516 -8.63 9.18 15.27
C ASN B 516 -9.34 8.06 15.04
C ASN B 516 -9.42 7.94 15.08
N ALA B 517 -8.86 7.03 14.31
CA ALA B 517 -9.64 5.79 14.08
C ALA B 517 -9.69 5.10 15.39
N ARG B 518 -8.59 5.04 16.13
CA ARG B 518 -8.62 4.28 17.41
C ARG B 518 -9.55 4.98 18.41
N LEU B 519 -9.49 6.29 18.46
CA LEU B 519 -10.33 7.05 19.43
C LEU B 519 -11.77 6.76 19.11
N LYS B 520 -12.18 6.73 17.87
CA LYS B 520 -13.57 6.41 17.51
C LYS B 520 -13.91 4.98 17.81
N GLU B 521 -13.01 4.03 17.57
CA GLU B 521 -13.36 2.64 17.84
C GLU B 521 -13.52 2.40 19.36
N GLU B 522 -12.76 3.07 20.18
CA GLU B 522 -12.78 2.95 21.66
C GLU B 522 -13.93 3.81 22.25
N ARG B 523 -14.65 4.56 21.40
CA ARG B 523 -15.71 5.46 21.91
C ARG B 523 -15.19 6.44 22.99
N LEU B 524 -14.01 7.00 22.77
CA LEU B 524 -13.49 7.96 23.70
C LEU B 524 -13.91 9.40 23.26
N GLN B 525 -14.07 10.24 24.26
CA GLN B 525 -14.39 11.63 23.99
C GLN B 525 -13.13 12.43 23.63
N ALA B 526 -11.93 11.94 23.98
CA ALA B 526 -10.71 12.66 23.64
C ALA B 526 -10.67 12.99 22.16
N HIS B 527 -10.05 14.16 21.88
CA HIS B 527 -9.89 14.49 20.43
C HIS B 527 -8.69 15.42 20.33
N LEU B 528 -8.15 15.41 19.11
CA LEU B 528 -7.06 16.25 18.78
C LEU B 528 -7.39 17.77 18.76
N LEU B 529 -6.45 18.56 19.21
CA LEU B 529 -6.55 20.00 19.10
C LEU B 529 -5.52 20.51 18.15
N LEU B 530 -4.24 20.05 18.27
CA LEU B 530 -3.20 20.69 17.49
C LEU B 530 -2.21 19.67 17.08
N GLN B 531 -1.53 19.92 15.97
CA GLN B 531 -0.26 19.23 15.57
C GLN B 531 0.79 20.28 15.49
N VAL B 532 1.97 20.00 16.06
CA VAL B 532 3.14 20.94 15.96
C VAL B 532 4.36 20.21 15.42
N HIS B 533 4.20 19.73 14.19
CA HIS B 533 5.27 19.08 13.42
C HIS B 533 5.71 17.70 13.85
N ASP B 534 6.06 17.56 15.13
CA ASP B 534 6.44 16.23 15.64
C ASP B 534 5.72 16.00 16.93
N GLU B 535 4.66 16.77 17.21
CA GLU B 535 3.88 16.63 18.52
C GLU B 535 2.44 16.69 18.18
N LEU B 536 1.65 15.99 18.99
CA LEU B 536 0.17 16.06 18.94
C LEU B 536 -0.37 16.48 20.26
N ILE B 537 -1.30 17.44 20.27
CA ILE B 537 -1.88 17.95 21.51
C ILE B 537 -3.33 17.55 21.44
N LEU B 538 -3.89 16.90 22.50
CA LEU B 538 -5.30 16.51 22.58
C LEU B 538 -5.89 17.07 23.90
N GLU B 539 -7.19 16.99 23.97
CA GLU B 539 -7.84 17.15 25.27
C GLU B 539 -8.76 16.06 25.46
N ALA B 540 -9.01 15.73 26.79
CA ALA B 540 -9.95 14.66 27.09
C ALA B 540 -10.44 14.77 28.56
N PRO B 541 -11.52 14.07 28.82
CA PRO B 541 -11.97 14.03 30.23
C PRO B 541 -10.88 13.39 31.06
N LYS B 542 -10.76 13.84 32.30
CA LYS B 542 -9.79 13.22 33.22
C LYS B 542 -9.91 11.72 33.37
N GLU B 543 -11.10 11.18 33.30
CA GLU B 543 -11.35 9.75 33.39
C GLU B 543 -10.79 8.94 32.20
N GLU B 544 -10.40 9.61 31.13
CA GLU B 544 -9.85 8.85 29.97
C GLU B 544 -8.32 8.93 29.99
N MET B 545 -7.62 9.62 30.89
CA MET B 545 -6.21 9.76 30.90
C MET B 545 -5.49 8.40 30.91
N GLU B 546 -5.89 7.49 31.80
CA GLU B 546 -5.12 6.26 31.87
C GLU B 546 -5.17 5.50 30.54
N ARG B 547 -6.33 5.46 29.93
CA ARG B 547 -6.46 4.77 28.66
C ARG B 547 -5.59 5.53 27.62
N LEU B 548 -5.60 6.88 27.65
CA LEU B 548 -4.82 7.62 26.57
C LEU B 548 -3.33 7.42 26.76
N CYS B 549 -2.80 7.33 28.01
CA CYS B 549 -1.40 7.09 28.26
C CYS B 549 -0.94 5.80 27.61
N ARG B 550 -1.82 4.79 27.45
CA ARG B 550 -1.42 3.57 26.71
C ARG B 550 -1.65 3.71 25.25
N LEU B 551 -2.77 4.24 24.89
CA LEU B 551 -3.18 4.27 23.47
CA LEU B 551 -3.18 4.27 23.48
C LEU B 551 -2.34 5.25 22.66
N VAL B 552 -2.15 6.49 23.12
CA VAL B 552 -1.60 7.51 22.21
C VAL B 552 -0.16 7.18 21.85
N PRO B 553 0.70 6.80 22.77
CA PRO B 553 2.11 6.58 22.38
C PRO B 553 2.16 5.35 21.48
N GLU B 554 1.36 4.33 21.73
CA GLU B 554 1.30 3.14 20.91
C GLU B 554 0.97 3.43 19.47
N VAL B 555 -0.09 4.20 19.26
CA VAL B 555 -0.51 4.47 17.88
C VAL B 555 0.59 5.29 17.21
N MET B 556 1.19 6.23 17.87
CA MET B 556 2.25 7.08 17.28
C MET B 556 3.47 6.22 16.97
N GLU B 557 3.86 5.34 17.87
CA GLU B 557 5.11 4.48 17.68
C GLU B 557 4.88 3.52 16.56
N GLN B 558 3.68 3.06 16.30
CA GLN B 558 3.36 2.04 15.34
C GLN B 558 2.92 2.56 13.98
N ALA B 559 2.93 3.92 13.78
CA ALA B 559 2.30 4.38 12.58
C ALA B 559 3.04 3.90 11.32
N VAL B 560 4.32 3.87 11.40
CA VAL B 560 5.10 3.28 10.26
C VAL B 560 6.12 2.36 10.92
N THR B 561 6.62 1.42 10.12
CA THR B 561 7.66 0.63 10.60
C THR B 561 9.00 1.00 9.95
N LEU B 562 9.98 1.44 10.77
CA LEU B 562 11.31 1.87 10.25
C LEU B 562 12.34 0.82 10.76
N ARG B 563 13.57 0.99 10.26
CA ARG B 563 14.68 0.12 10.73
C ARG B 563 15.12 0.45 12.14
N VAL B 564 14.59 1.53 12.78
CA VAL B 564 14.88 1.84 14.20
C VAL B 564 13.45 2.09 14.80
N PRO B 565 13.33 1.88 16.14
CA PRO B 565 12.08 2.15 16.80
C PRO B 565 11.79 3.67 16.74
N LEU B 566 10.50 3.99 16.78
CA LEU B 566 10.10 5.34 17.06
C LEU B 566 9.75 5.44 18.55
N LYS B 567 10.15 6.52 19.12
CA LYS B 567 9.96 6.71 20.59
C LYS B 567 9.08 7.98 20.78
N VAL B 568 8.09 7.86 21.70
CA VAL B 568 7.16 8.95 21.98
C VAL B 568 7.10 9.26 23.49
N ASP B 569 7.31 10.49 23.82
CA ASP B 569 7.13 10.98 25.21
C ASP B 569 5.72 11.64 25.28
N TYR B 570 5.23 11.70 26.52
CA TYR B 570 3.86 12.24 26.66
C TYR B 570 3.71 12.74 28.09
N HIS B 571 2.83 13.73 28.21
CA HIS B 571 2.60 14.43 29.51
C HIS B 571 1.17 14.88 29.46
N TYR B 572 0.56 15.15 30.63
CA TYR B 572 -0.75 15.76 30.64
C TYR B 572 -0.89 16.70 31.85
N GLY B 573 -1.89 17.60 31.73
CA GLY B 573 -2.06 18.48 32.85
C GLY B 573 -3.20 19.42 32.61
N SER B 574 -3.36 20.36 33.58
CA SER B 574 -4.57 21.22 33.57
C SER B 574 -4.49 22.31 32.50
N THR B 575 -3.32 22.65 32.03
CA THR B 575 -3.14 23.63 30.95
C THR B 575 -2.08 23.05 30.03
N TRP B 576 -1.88 23.68 28.84
CA TRP B 576 -0.83 23.20 27.97
C TRP B 576 0.54 23.38 28.63
N TYR B 577 0.75 24.44 29.43
CA TYR B 577 2.01 24.62 30.15
C TYR B 577 2.29 23.40 31.05
N ASP B 578 1.26 22.86 31.68
CA ASP B 578 1.48 21.76 32.66
C ASP B 578 1.72 20.44 31.96
N ALA B 579 1.39 20.31 30.67
CA ALA B 579 1.54 19.05 29.97
C ALA B 579 3.00 18.99 29.51
N LYS B 580 3.87 18.84 30.49
CA LYS B 580 5.33 18.67 30.27
C LYS B 580 5.91 17.81 31.43
#